data_5SN5
#
_entry.id   5SN5
#
_cell.length_a   137.830
_cell.length_b   65.618
_cell.length_c   84.334
_cell.angle_alpha   90.000
_cell.angle_beta   93.250
_cell.angle_gamma   90.000
#
_symmetry.space_group_name_H-M   'C 1 2 1'
#
loop_
_entity.id
_entity.type
_entity.pdbx_description
1 polymer '3-oxoacyl-[acyl-carrier-protein] synthase 2'
2 non-polymer 1-(2-phenylethyl)piperidine-4-carboxamide
3 non-polymer 'DIMETHYL SULFOXIDE'
4 non-polymer 'PHOSPHATE ION'
5 water water
#
_entity_poly.entity_id   1
_entity_poly.type   'polypeptide(L)'
_entity_poly.pdbx_seq_one_letter_code
;MSRRRVVITGMGMLSPLGLDVPSSWEGILAGRSGIAPIEHMDLSAYSTRFGGSVKGFNVEEYLSAKEARKLDLFIQYGLA
ASFQAVRDSGLEVTDANRERIGVSMGSGIGGLTNIENNCRSLFEQGPRRISPFFVPGSIINMVSGFLSIHLGLQGPNYAL
TTAQTTGTHSIGMAARNIAYGEADVMVAGGSEMAACGLGLGGFGAARALSTRNDEPTRASRPWDRDRDGFVLSDGSGALV
LEELEHARARGARIYAELVGFGMSGDAFHMTAPPEDGAGAARCMKNALRDAGLDPRQVDYINAHGTSTPAGDIAEIAAVK
SVFGEHAHALSMSSTKSMTGHLLGAAGAVEAIFSVLALRDQVAPPTINLDNPDEGCDLDLVAHEAKPRKIDVALSNSFGF
GGTNGTLVFRRFAD
;
_entity_poly.pdbx_strand_id   A,B
#
loop_
_chem_comp.id
_chem_comp.type
_chem_comp.name
_chem_comp.formula
DMS non-polymer 'DIMETHYL SULFOXIDE' 'C2 H6 O S'
PO4 non-polymer 'PHOSPHATE ION' 'O4 P -3'
Q40 non-polymer 1-(2-phenylethyl)piperidine-4-carboxamide 'C14 H20 N2 O'
#
# COMPACT_ATOMS: atom_id res chain seq x y z
N SER A 2 -17.57 -3.43 -19.89
CA SER A 2 -16.41 -2.93 -20.70
C SER A 2 -15.89 -1.60 -20.13
N ARG A 3 -14.69 -1.17 -20.54
CA ARG A 3 -13.91 -0.19 -19.75
C ARG A 3 -14.55 1.20 -19.84
N ARG A 4 -14.87 1.81 -18.70
CA ARG A 4 -15.50 3.15 -18.64
C ARG A 4 -14.42 4.24 -18.60
N ARG A 5 -14.81 5.43 -19.00
CA ARG A 5 -13.95 6.64 -19.01
C ARG A 5 -13.97 7.30 -17.62
N VAL A 6 -12.85 7.93 -17.26
CA VAL A 6 -12.61 8.47 -15.91
C VAL A 6 -12.17 9.91 -16.05
N VAL A 7 -12.84 10.80 -15.31
CA VAL A 7 -12.53 12.25 -15.31
C VAL A 7 -12.16 12.68 -13.91
N ILE A 8 -11.56 13.86 -13.85
CA ILE A 8 -11.14 14.52 -12.59
C ILE A 8 -12.13 15.65 -12.29
N THR A 9 -12.82 15.58 -11.15
CA THR A 9 -13.91 16.55 -10.82
C THR A 9 -13.58 17.35 -9.56
N GLY A 10 -12.48 17.04 -8.86
CA GLY A 10 -12.12 17.75 -7.63
C GLY A 10 -10.68 17.51 -7.30
N MET A 11 -10.00 18.51 -6.74
CA MET A 11 -8.59 18.36 -6.35
C MET A 11 -8.36 19.08 -5.02
N GLY A 12 -7.40 18.60 -4.26
CA GLY A 12 -7.02 19.19 -2.96
C GLY A 12 -5.57 18.95 -2.66
N MET A 13 -4.97 19.81 -1.83
CA MET A 13 -3.52 19.81 -1.69
C MET A 13 -3.09 20.52 -0.41
N LEU A 14 -2.01 19.99 0.22
CA LEU A 14 -1.05 20.76 1.04
C LEU A 14 0.32 20.62 0.40
N SER A 15 1.04 21.72 0.26
CA SER A 15 2.40 21.66 -0.31
C SER A 15 3.22 22.71 0.43
N PRO A 16 4.54 22.64 0.23
CA PRO A 16 5.41 23.71 0.70
C PRO A 16 5.09 25.06 0.06
N LEU A 17 4.18 25.13 -0.93
CA LEU A 17 3.86 26.38 -1.64
C LEU A 17 2.52 26.92 -1.18
N GLY A 18 1.73 26.13 -0.46
CA GLY A 18 0.39 26.61 -0.08
C GLY A 18 -0.48 25.59 0.64
N LEU A 19 -1.52 26.08 1.30
CA LEU A 19 -2.42 25.22 2.10
C LEU A 19 -3.62 24.78 1.27
N ASP A 20 -3.62 25.03 -0.03
CA ASP A 20 -4.64 24.46 -0.95
C ASP A 20 -4.09 24.46 -2.36
N VAL A 21 -4.89 24.04 -3.31
CA VAL A 21 -4.47 24.00 -4.73
C VAL A 21 -4.18 25.39 -5.30
N PRO A 22 -5.13 26.36 -5.26
CA PRO A 22 -4.87 27.62 -5.96
C PRO A 22 -3.62 28.34 -5.46
N SER A 23 -3.41 28.36 -4.14
CA SER A 23 -2.24 29.02 -3.51
C SER A 23 -0.94 28.30 -3.95
N SER A 24 -0.96 26.96 -3.95
CA SER A 24 0.17 26.14 -4.45
C SER A 24 0.43 26.48 -5.91
N TRP A 25 -0.60 26.47 -6.77
CA TRP A 25 -0.45 26.69 -8.22
C TRP A 25 0.10 28.10 -8.54
N GLU A 26 -0.36 29.13 -7.80
N GLU A 26 -0.37 29.13 -7.80
CA GLU A 26 0.14 30.53 -7.92
CA GLU A 26 0.16 30.52 -7.92
C GLU A 26 1.67 30.51 -7.72
C GLU A 26 1.67 30.49 -7.73
N GLY A 27 2.16 29.81 -6.70
CA GLY A 27 3.60 29.69 -6.43
C GLY A 27 4.29 28.98 -7.58
N ILE A 28 3.69 27.88 -8.06
CA ILE A 28 4.28 27.11 -9.19
C ILE A 28 4.47 28.04 -10.39
N LEU A 29 3.44 28.78 -10.77
CA LEU A 29 3.50 29.60 -12.01
C LEU A 29 4.42 30.80 -11.82
N ALA A 30 4.72 31.19 -10.57
CA ALA A 30 5.57 32.37 -10.26
C ALA A 30 7.02 31.95 -10.03
N GLY A 31 7.32 30.65 -10.09
CA GLY A 31 8.71 30.18 -9.93
C GLY A 31 9.14 30.26 -8.49
N ARG A 32 8.21 30.26 -7.55
CA ARG A 32 8.51 30.45 -6.12
C ARG A 32 9.01 29.12 -5.54
N SER A 33 10.00 29.16 -4.65
CA SER A 33 10.50 28.01 -3.87
C SER A 33 9.77 27.90 -2.52
N GLY A 34 9.35 26.68 -2.14
CA GLY A 34 8.77 26.34 -0.83
C GLY A 34 9.83 25.77 0.11
N ILE A 35 11.12 25.90 -0.22
CA ILE A 35 12.18 25.23 0.57
C ILE A 35 12.81 26.24 1.53
N ALA A 36 13.05 25.81 2.74
CA ALA A 36 13.62 26.66 3.82
C ALA A 36 14.21 25.80 4.92
N PRO A 37 15.11 26.39 5.74
CA PRO A 37 15.61 25.67 6.89
C PRO A 37 14.43 25.19 7.72
N ILE A 38 14.55 23.97 8.21
CA ILE A 38 13.47 23.34 8.99
C ILE A 38 13.44 23.99 10.38
N GLU A 39 12.24 24.32 10.86
CA GLU A 39 12.04 25.02 12.15
C GLU A 39 11.52 24.11 13.26
N HIS A 40 10.91 22.97 12.91
CA HIS A 40 10.10 22.19 13.89
C HIS A 40 11.00 21.26 14.70
N MET A 41 12.28 21.15 14.36
CA MET A 41 13.25 20.35 15.15
C MET A 41 14.66 20.89 14.94
N ASP A 42 15.58 20.56 15.84
CA ASP A 42 17.01 20.95 15.85
C ASP A 42 17.81 19.98 14.95
N LEU A 43 18.33 20.47 13.83
CA LEU A 43 19.03 19.58 12.84
C LEU A 43 20.53 19.88 12.83
N SER A 44 21.06 20.47 13.90
CA SER A 44 22.48 20.90 13.87
C SER A 44 23.39 19.68 13.70
N ALA A 45 23.02 18.47 14.16
CA ALA A 45 23.87 17.25 14.01
C ALA A 45 23.70 16.61 12.60
N TYR A 46 22.77 17.12 11.81
CA TYR A 46 22.40 16.51 10.51
C TYR A 46 23.18 17.20 9.37
N SER A 47 23.46 16.46 8.29
CA SER A 47 24.13 16.99 7.07
C SER A 47 23.17 17.79 6.17
N THR A 48 21.85 17.62 6.35
CA THR A 48 20.82 18.43 5.67
C THR A 48 19.88 19.04 6.73
N ARG A 49 19.63 20.33 6.66
CA ARG A 49 18.88 21.06 7.72
C ARG A 49 17.69 21.81 7.16
N PHE A 50 17.30 21.58 5.92
CA PHE A 50 16.22 22.31 5.26
C PHE A 50 15.35 21.29 4.53
N GLY A 51 14.23 21.79 4.03
CA GLY A 51 13.29 20.94 3.30
C GLY A 51 12.07 21.75 2.94
N GLY A 52 11.07 21.10 2.34
CA GLY A 52 9.78 21.72 2.04
C GLY A 52 8.73 21.41 3.10
N SER A 53 8.54 22.33 4.04
CA SER A 53 7.57 22.19 5.15
C SER A 53 6.21 22.74 4.72
N VAL A 54 5.12 22.23 5.26
CA VAL A 54 3.80 22.89 5.10
C VAL A 54 3.77 24.03 6.12
N LYS A 55 3.50 25.25 5.69
CA LYS A 55 3.53 26.46 6.57
C LYS A 55 2.11 26.86 6.97
N GLY A 56 1.87 26.97 8.28
CA GLY A 56 0.61 27.49 8.84
C GLY A 56 -0.57 26.53 8.68
N PHE A 57 -0.34 25.23 8.58
CA PHE A 57 -1.42 24.23 8.52
C PHE A 57 -2.29 24.31 9.78
N ASN A 58 -3.59 24.44 9.57
CA ASN A 58 -4.60 24.47 10.65
C ASN A 58 -5.49 23.22 10.54
N VAL A 59 -5.14 22.17 11.28
CA VAL A 59 -5.89 20.89 11.23
C VAL A 59 -7.33 21.15 11.71
N GLU A 60 -7.54 22.26 12.41
CA GLU A 60 -8.84 22.50 13.08
C GLU A 60 -9.94 22.92 12.12
N GLU A 61 -9.61 23.35 10.90
CA GLU A 61 -10.66 23.64 9.89
C GLU A 61 -11.10 22.33 9.23
N TYR A 62 -10.56 21.18 9.65
CA TYR A 62 -11.03 19.85 9.18
C TYR A 62 -11.55 18.93 10.28
N LEU A 63 -10.83 18.86 11.39
CA LEU A 63 -11.02 17.87 12.48
C LEU A 63 -11.03 18.63 13.79
N SER A 64 -11.68 18.08 14.82
CA SER A 64 -11.51 18.52 16.24
C SER A 64 -10.04 18.38 16.61
N ALA A 65 -9.49 19.29 17.42
CA ALA A 65 -8.12 19.17 17.95
C ALA A 65 -8.00 17.83 18.71
N LYS A 66 -9.08 17.33 19.32
CA LYS A 66 -9.07 16.06 20.12
C LYS A 66 -8.76 14.83 19.23
N GLU A 67 -9.39 14.75 18.06
N GLU A 67 -9.40 14.73 18.08
CA GLU A 67 -9.17 13.65 17.09
CA GLU A 67 -9.13 13.65 17.10
C GLU A 67 -7.81 13.85 16.39
C GLU A 67 -7.74 13.86 16.50
N ALA A 68 -7.40 15.09 16.12
CA ALA A 68 -6.10 15.38 15.45
C ALA A 68 -4.91 14.91 16.29
N ARG A 69 -4.98 15.08 17.62
N ARG A 69 -4.99 15.05 17.62
CA ARG A 69 -3.91 14.66 18.58
CA ARG A 69 -3.90 14.68 18.55
C ARG A 69 -3.61 13.17 18.41
C ARG A 69 -3.64 13.16 18.50
N LYS A 70 -4.58 12.37 17.97
CA LYS A 70 -4.40 10.90 17.82
C LYS A 70 -3.66 10.58 16.51
N LEU A 71 -3.52 11.53 15.58
CA LEU A 71 -3.18 11.20 14.16
C LEU A 71 -1.83 11.78 13.80
N ASP A 72 -0.95 10.96 13.24
CA ASP A 72 0.32 11.45 12.67
C ASP A 72 0.03 12.54 11.65
N LEU A 73 0.95 13.49 11.49
CA LEU A 73 0.81 14.55 10.48
C LEU A 73 0.51 13.99 9.08
N PHE A 74 1.08 12.85 8.67
CA PHE A 74 0.83 12.41 7.27
C PHE A 74 -0.67 12.14 7.16
N ILE A 75 -1.31 11.67 8.22
CA ILE A 75 -2.77 11.38 8.15
C ILE A 75 -3.54 12.68 8.12
N GLN A 76 -3.21 13.62 9.00
CA GLN A 76 -3.83 14.95 8.99
C GLN A 76 -3.70 15.58 7.59
N TYR A 77 -2.53 15.45 6.96
CA TYR A 77 -2.29 16.07 5.65
C TYR A 77 -3.14 15.38 4.57
N GLY A 78 -3.20 14.06 4.63
CA GLY A 78 -3.99 13.29 3.64
C GLY A 78 -5.48 13.59 3.76
N LEU A 79 -5.97 13.69 5.01
CA LEU A 79 -7.39 14.10 5.26
C LEU A 79 -7.66 15.50 4.75
N ALA A 80 -6.77 16.48 5.03
CA ALA A 80 -6.96 17.85 4.57
C ALA A 80 -7.14 17.82 3.04
N ALA A 81 -6.22 17.21 2.32
CA ALA A 81 -6.28 17.23 0.84
C ALA A 81 -7.56 16.55 0.35
N SER A 82 -7.90 15.42 0.96
CA SER A 82 -9.13 14.63 0.66
C SER A 82 -10.39 15.48 0.87
N PHE A 83 -10.49 16.15 2.00
CA PHE A 83 -11.67 16.99 2.29
C PHE A 83 -11.77 18.09 1.23
N GLN A 84 -10.64 18.72 0.91
CA GLN A 84 -10.62 19.79 -0.11
C GLN A 84 -11.12 19.25 -1.44
N ALA A 85 -10.60 18.09 -1.86
CA ALA A 85 -10.95 17.48 -3.15
C ALA A 85 -12.46 17.17 -3.20
N VAL A 86 -13.01 16.59 -2.15
CA VAL A 86 -14.44 16.20 -2.12
C VAL A 86 -15.30 17.47 -2.22
N ARG A 87 -14.98 18.50 -1.43
CA ARG A 87 -15.71 19.79 -1.48
C ARG A 87 -15.63 20.35 -2.90
N ASP A 88 -14.43 20.36 -3.49
CA ASP A 88 -14.18 20.93 -4.83
C ASP A 88 -15.00 20.19 -5.88
N SER A 89 -15.27 18.90 -5.68
CA SER A 89 -16.03 18.07 -6.65
C SER A 89 -17.52 18.44 -6.63
N GLY A 90 -18.02 19.04 -5.55
CA GLY A 90 -19.47 19.25 -5.32
C GLY A 90 -20.25 17.94 -5.13
N LEU A 91 -19.59 16.79 -5.03
CA LEU A 91 -20.30 15.51 -4.80
C LEU A 91 -21.01 15.49 -3.43
N GLU A 92 -22.24 14.98 -3.40
CA GLU A 92 -23.01 14.74 -2.16
C GLU A 92 -23.08 13.23 -1.95
N VAL A 93 -22.60 12.80 -0.80
CA VAL A 93 -22.64 11.38 -0.38
C VAL A 93 -24.06 11.08 0.13
N THR A 94 -24.69 10.07 -0.44
CA THR A 94 -26.09 9.68 -0.12
C THR A 94 -26.13 8.19 0.17
N ASP A 95 -27.25 7.72 0.70
CA ASP A 95 -27.47 6.26 0.74
C ASP A 95 -27.41 5.67 -0.67
N ALA A 96 -27.81 6.39 -1.73
CA ALA A 96 -27.91 5.89 -3.13
C ALA A 96 -26.51 5.61 -3.68
N ASN A 97 -25.49 6.36 -3.24
CA ASN A 97 -24.14 6.32 -3.88
C ASN A 97 -23.03 5.95 -2.90
N ARG A 98 -23.28 5.83 -1.60
CA ARG A 98 -22.13 5.70 -0.67
C ARG A 98 -21.41 4.36 -0.91
N GLU A 99 -22.07 3.33 -1.45
CA GLU A 99 -21.37 2.05 -1.68
C GLU A 99 -20.51 2.17 -2.95
N ARG A 100 -20.70 3.21 -3.75
CA ARG A 100 -20.05 3.38 -5.06
C ARG A 100 -18.88 4.37 -4.98
N ILE A 101 -18.59 4.88 -3.78
CA ILE A 101 -17.50 5.89 -3.58
C ILE A 101 -16.48 5.28 -2.64
N GLY A 102 -15.23 5.20 -3.11
CA GLY A 102 -14.15 4.61 -2.33
C GLY A 102 -13.00 5.57 -2.19
N VAL A 103 -11.92 5.09 -1.62
CA VAL A 103 -10.75 5.95 -1.32
C VAL A 103 -9.50 5.08 -1.39
N SER A 104 -8.47 5.63 -2.01
CA SER A 104 -7.10 5.05 -2.08
C SER A 104 -6.14 6.21 -1.91
N MET A 105 -5.81 6.49 -0.65
CA MET A 105 -4.80 7.50 -0.31
C MET A 105 -3.61 6.75 0.29
N GLY A 106 -2.44 6.97 -0.28
CA GLY A 106 -1.24 6.21 0.11
C GLY A 106 -0.17 7.07 0.74
N SER A 107 0.91 6.41 1.17
CA SER A 107 2.11 7.09 1.70
C SER A 107 3.31 6.18 1.50
N GLY A 108 4.47 6.78 1.29
CA GLY A 108 5.71 6.02 1.11
C GLY A 108 6.24 5.49 2.42
N ILE A 109 6.22 6.31 3.47
CA ILE A 109 6.81 5.97 4.80
C ILE A 109 5.74 5.97 5.91
N GLY A 110 4.69 6.77 5.77
CA GLY A 110 3.63 6.86 6.79
C GLY A 110 4.12 7.51 8.08
N GLY A 111 3.74 7.00 9.24
CA GLY A 111 3.74 7.80 10.49
C GLY A 111 5.08 7.75 11.21
N LEU A 112 6.14 8.11 10.51
CA LEU A 112 7.50 7.93 11.06
C LEU A 112 7.70 8.87 12.25
N THR A 113 7.15 10.09 12.22
CA THR A 113 7.22 11.05 13.36
C THR A 113 6.59 10.40 14.59
N ASN A 114 5.34 9.93 14.45
CA ASN A 114 4.63 9.30 15.57
C ASN A 114 5.41 8.08 16.06
N ILE A 115 5.96 7.26 15.16
CA ILE A 115 6.62 5.99 15.58
C ILE A 115 7.89 6.39 16.35
N GLU A 116 8.58 7.43 15.88
CA GLU A 116 9.86 7.90 16.49
C GLU A 116 9.52 8.36 17.90
N ASN A 117 8.49 9.20 18.04
CA ASN A 117 8.08 9.82 19.33
C ASN A 117 7.70 8.72 20.32
N ASN A 118 6.96 7.71 19.87
CA ASN A 118 6.56 6.57 20.72
C ASN A 118 7.78 5.71 21.03
N CYS A 119 8.75 5.57 20.10
CA CYS A 119 9.98 4.80 20.38
C CYS A 119 10.76 5.52 21.50
N ARG A 120 10.79 6.85 21.47
CA ARG A 120 11.47 7.68 22.49
C ARG A 120 10.81 7.42 23.85
N SER A 121 9.47 7.53 23.93
CA SER A 121 8.68 7.17 25.15
C SER A 121 9.09 5.78 25.64
N LEU A 122 9.07 4.77 24.77
CA LEU A 122 9.37 3.38 25.13
C LEU A 122 10.77 3.31 25.76
N PHE A 123 11.77 3.87 25.09
CA PHE A 123 13.19 3.68 25.50
C PHE A 123 13.47 4.44 26.81
N GLU A 124 12.97 5.66 26.90
CA GLU A 124 13.29 6.60 28.01
C GLU A 124 12.39 6.30 29.22
N GLN A 125 11.16 5.81 29.02
CA GLN A 125 10.15 5.79 30.10
C GLN A 125 9.44 4.45 30.26
N GLY A 126 9.45 3.56 29.26
CA GLY A 126 8.76 2.29 29.37
C GLY A 126 7.56 2.20 28.43
N PRO A 127 7.12 0.96 28.19
CA PRO A 127 6.02 0.69 27.30
C PRO A 127 4.71 1.30 27.76
N ARG A 128 4.53 1.58 29.07
CA ARG A 128 3.26 2.15 29.55
C ARG A 128 3.10 3.59 29.06
N ARG A 129 4.13 4.21 28.48
CA ARG A 129 3.95 5.57 27.91
C ARG A 129 3.66 5.52 26.41
N ILE A 130 3.54 4.34 25.78
CA ILE A 130 3.17 4.30 24.33
C ILE A 130 1.71 4.70 24.24
N SER A 131 1.37 5.54 23.25
CA SER A 131 -0.02 6.00 23.02
C SER A 131 -0.91 4.81 22.75
N PRO A 132 -2.13 4.78 23.35
CA PRO A 132 -3.16 3.84 22.93
C PRO A 132 -3.51 3.95 21.44
N PHE A 133 -3.23 5.10 20.83
CA PHE A 133 -3.58 5.38 19.42
C PHE A 133 -2.36 5.17 18.53
N PHE A 134 -1.28 4.58 19.07
CA PHE A 134 -0.02 4.34 18.32
C PHE A 134 -0.34 3.69 16.96
N VAL A 135 -1.09 2.58 16.96
CA VAL A 135 -1.28 1.78 15.72
C VAL A 135 -2.21 2.53 14.78
N PRO A 136 -3.49 2.82 15.12
CA PRO A 136 -4.35 3.50 14.17
C PRO A 136 -3.97 4.95 13.84
N GLY A 137 -3.12 5.60 14.65
CA GLY A 137 -2.68 6.96 14.32
C GLY A 137 -1.40 6.97 13.48
N SER A 138 -0.83 5.83 13.15
CA SER A 138 0.49 5.77 12.47
C SER A 138 0.42 5.00 11.15
N ILE A 139 -0.45 4.01 11.04
CA ILE A 139 -0.37 3.07 9.88
C ILE A 139 -1.00 3.68 8.64
N ILE A 140 -0.46 3.30 7.50
CA ILE A 140 -0.65 4.08 6.24
C ILE A 140 -2.11 4.06 5.76
N ASN A 141 -2.81 2.98 5.99
CA ASN A 141 -4.22 2.86 5.49
C ASN A 141 -5.18 3.76 6.23
N MET A 142 -4.75 4.51 7.24
CA MET A 142 -5.75 5.26 8.07
C MET A 142 -6.15 6.59 7.48
N VAL A 143 -5.55 7.10 6.40
CA VAL A 143 -6.13 8.21 5.63
C VAL A 143 -7.40 7.69 4.98
N SER A 144 -7.29 6.57 4.26
CA SER A 144 -8.48 5.95 3.63
C SER A 144 -9.50 5.58 4.71
N GLY A 145 -9.04 5.05 5.82
CA GLY A 145 -9.97 4.67 6.91
C GLY A 145 -10.70 5.87 7.50
N PHE A 146 -9.96 6.86 7.98
CA PHE A 146 -10.59 8.03 8.65
C PHE A 146 -11.45 8.79 7.63
N LEU A 147 -11.01 8.91 6.38
CA LEU A 147 -11.83 9.68 5.39
C LEU A 147 -13.17 8.98 5.20
N SER A 148 -13.15 7.65 5.06
N SER A 148 -13.15 7.65 5.05
CA SER A 148 -14.38 6.84 4.89
CA SER A 148 -14.35 6.79 4.91
C SER A 148 -15.31 7.01 6.09
C SER A 148 -15.31 7.02 6.09
N ILE A 149 -14.77 7.05 7.32
CA ILE A 149 -15.57 7.22 8.56
C ILE A 149 -16.20 8.62 8.57
N HIS A 150 -15.44 9.67 8.28
CA HIS A 150 -15.94 11.08 8.32
C HIS A 150 -16.96 11.35 7.22
N LEU A 151 -16.78 10.80 6.01
CA LEU A 151 -17.69 11.12 4.90
C LEU A 151 -18.72 10.02 4.63
N GLY A 152 -18.57 8.80 5.16
CA GLY A 152 -19.52 7.69 4.98
C GLY A 152 -19.28 6.96 3.69
N LEU A 153 -18.02 6.85 3.25
CA LEU A 153 -17.68 6.19 1.95
C LEU A 153 -17.57 4.69 2.18
N GLN A 154 -18.36 3.89 1.48
CA GLN A 154 -18.41 2.44 1.75
C GLN A 154 -17.87 1.63 0.57
N GLY A 155 -17.37 2.30 -0.46
CA GLY A 155 -16.73 1.64 -1.61
C GLY A 155 -15.35 1.09 -1.27
N PRO A 156 -14.62 0.64 -2.31
CA PRO A 156 -13.26 0.10 -2.13
C PRO A 156 -12.42 1.07 -1.28
N ASN A 157 -11.81 0.51 -0.26
CA ASN A 157 -11.08 1.25 0.79
C ASN A 157 -9.72 0.57 0.86
N TYR A 158 -8.69 1.25 0.41
CA TYR A 158 -7.33 0.64 0.47
C TYR A 158 -6.27 1.72 0.39
N ALA A 159 -5.03 1.27 0.45
CA ALA A 159 -3.88 2.18 0.38
C ALA A 159 -2.71 1.46 -0.23
N LEU A 160 -2.03 2.17 -1.10
CA LEU A 160 -0.73 1.74 -1.69
C LEU A 160 0.43 2.34 -0.90
N THR A 161 1.55 1.63 -0.97
CA THR A 161 2.82 2.17 -0.48
C THR A 161 3.92 1.72 -1.44
N THR A 162 4.27 2.56 -2.41
CA THR A 162 5.28 2.24 -3.43
C THR A 162 6.30 3.35 -3.44
N ALA A 163 6.73 3.76 -2.26
CA ALA A 163 7.82 4.71 -2.07
C ALA A 163 7.48 5.98 -2.85
N GLN A 164 8.41 6.49 -3.67
CA GLN A 164 8.20 7.77 -4.37
C GLN A 164 7.23 7.65 -5.56
N THR A 165 6.65 6.46 -5.79
CA THR A 165 5.68 6.25 -6.90
C THR A 165 4.25 6.25 -6.35
N THR A 166 4.12 6.30 -5.02
CA THR A 166 2.83 6.00 -4.35
C THR A 166 1.69 6.84 -4.91
N GLY A 167 1.86 8.15 -5.04
CA GLY A 167 0.70 8.99 -5.44
C GLY A 167 0.23 8.69 -6.86
N THR A 168 1.16 8.38 -7.74
CA THR A 168 0.87 8.05 -9.15
C THR A 168 0.17 6.70 -9.20
N HIS A 169 0.69 5.68 -8.54
CA HIS A 169 0.04 4.35 -8.51
C HIS A 169 -1.36 4.48 -7.91
N SER A 170 -1.49 5.26 -6.83
CA SER A 170 -2.80 5.37 -6.14
C SER A 170 -3.82 5.90 -7.11
N ILE A 171 -3.49 6.95 -7.84
CA ILE A 171 -4.43 7.59 -8.79
C ILE A 171 -4.70 6.61 -9.91
N GLY A 172 -3.68 5.99 -10.51
CA GLY A 172 -3.88 5.06 -11.64
C GLY A 172 -4.79 3.89 -11.28
N MET A 173 -4.54 3.24 -10.14
N MET A 173 -4.56 3.25 -10.14
CA MET A 173 -5.28 2.03 -9.72
CA MET A 173 -5.32 2.03 -9.75
C MET A 173 -6.71 2.43 -9.31
C MET A 173 -6.73 2.43 -9.30
N ALA A 174 -6.89 3.61 -8.72
CA ALA A 174 -8.25 4.14 -8.41
C ALA A 174 -8.99 4.35 -9.72
N ALA A 175 -8.36 4.92 -10.74
CA ALA A 175 -8.98 5.04 -12.08
C ALA A 175 -9.39 3.66 -12.61
N ARG A 176 -8.57 2.63 -12.49
CA ARG A 176 -8.94 1.27 -12.96
C ARG A 176 -10.17 0.75 -12.19
N ASN A 177 -10.26 0.97 -10.87
CA ASN A 177 -11.46 0.58 -10.09
C ASN A 177 -12.68 1.12 -10.82
N ILE A 178 -12.62 2.37 -11.25
CA ILE A 178 -13.80 3.04 -11.82
C ILE A 178 -14.01 2.51 -13.24
N ALA A 179 -12.92 2.36 -13.98
CA ALA A 179 -12.96 1.94 -15.39
C ALA A 179 -13.60 0.56 -15.47
N TYR A 180 -13.31 -0.32 -14.52
CA TYR A 180 -13.78 -1.73 -14.53
C TYR A 180 -15.10 -1.92 -13.76
N GLY A 181 -15.69 -0.88 -13.19
CA GLY A 181 -17.03 -0.96 -12.57
C GLY A 181 -17.02 -1.28 -11.08
N GLU A 182 -15.86 -1.32 -10.42
CA GLU A 182 -15.75 -1.62 -8.98
C GLU A 182 -16.23 -0.41 -8.16
N ALA A 183 -16.22 0.80 -8.73
CA ALA A 183 -16.65 2.05 -8.08
C ALA A 183 -17.04 3.06 -9.14
N ASP A 184 -17.80 4.08 -8.76
CA ASP A 184 -18.14 5.18 -9.69
C ASP A 184 -17.28 6.39 -9.38
N VAL A 185 -16.84 6.53 -8.13
CA VAL A 185 -16.06 7.68 -7.62
C VAL A 185 -14.94 7.11 -6.73
N MET A 186 -13.75 7.68 -6.81
CA MET A 186 -12.67 7.34 -5.90
C MET A 186 -11.95 8.61 -5.50
N VAL A 187 -11.63 8.71 -4.23
CA VAL A 187 -10.72 9.82 -3.76
C VAL A 187 -9.33 9.21 -3.73
N ALA A 188 -8.37 9.76 -4.46
CA ALA A 188 -7.08 9.05 -4.59
C ALA A 188 -5.93 10.04 -4.63
N GLY A 189 -4.81 9.59 -4.11
CA GLY A 189 -3.60 10.42 -4.02
C GLY A 189 -2.69 9.88 -2.95
N GLY A 190 -2.02 10.81 -2.28
CA GLY A 190 -1.03 10.42 -1.28
C GLY A 190 -0.67 11.55 -0.34
N SER A 191 0.03 11.20 0.74
CA SER A 191 0.45 12.18 1.77
C SER A 191 1.74 11.68 2.40
N GLU A 192 2.53 12.63 2.90
CA GLU A 192 3.86 12.29 3.45
C GLU A 192 4.26 13.39 4.43
N MET A 193 4.82 12.99 5.57
N MET A 193 4.79 12.96 5.57
CA MET A 193 5.55 13.92 6.48
CA MET A 193 5.49 13.81 6.56
C MET A 193 6.68 13.11 7.12
C MET A 193 6.66 12.98 7.09
N ALA A 194 7.81 13.05 6.43
CA ALA A 194 8.95 12.20 6.79
C ALA A 194 10.03 13.05 7.42
N ALA A 195 9.73 14.33 7.70
CA ALA A 195 10.72 15.29 8.26
C ALA A 195 10.79 15.11 9.77
N CYS A 196 11.42 14.03 10.16
CA CYS A 196 11.74 13.68 11.57
C CYS A 196 13.19 13.21 11.57
N GLY A 197 13.81 12.97 12.74
CA GLY A 197 15.19 12.45 12.83
C GLY A 197 15.45 11.24 11.94
N LEU A 198 14.63 10.20 12.00
CA LEU A 198 14.85 8.97 11.21
C LEU A 198 14.75 9.30 9.72
N GLY A 199 13.84 10.19 9.32
CA GLY A 199 13.64 10.54 7.89
C GLY A 199 14.86 11.26 7.33
N LEU A 200 15.17 12.40 7.93
CA LEU A 200 16.32 13.23 7.47
C LEU A 200 17.60 12.47 7.74
N GLY A 201 17.69 11.77 8.88
CA GLY A 201 18.85 10.93 9.21
C GLY A 201 19.02 9.77 8.23
N GLY A 202 17.93 9.09 7.89
CA GLY A 202 18.02 7.88 7.06
C GLY A 202 18.35 8.25 5.62
N PHE A 203 17.73 9.28 5.05
CA PHE A 203 18.08 9.69 3.68
C PHE A 203 19.48 10.30 3.71
N GLY A 204 19.82 11.00 4.80
CA GLY A 204 21.17 11.55 4.99
C GLY A 204 22.23 10.45 5.00
N ALA A 205 21.98 9.36 5.73
CA ALA A 205 22.91 8.22 5.82
C ALA A 205 23.16 7.64 4.44
N ALA A 206 22.18 7.73 3.53
CA ALA A 206 22.31 7.18 2.16
C ALA A 206 22.96 8.21 1.23
N ARG A 207 23.25 9.40 1.75
CA ARG A 207 23.85 10.53 1.02
C ARG A 207 22.96 10.88 -0.17
N ALA A 208 21.64 10.67 -0.06
CA ALA A 208 20.64 10.92 -1.11
C ALA A 208 20.20 12.39 -1.19
N LEU A 209 20.29 13.14 -0.09
CA LEU A 209 19.80 14.54 0.03
C LEU A 209 20.83 15.57 -0.40
N SER A 210 20.37 16.65 -1.01
CA SER A 210 21.18 17.88 -1.18
C SER A 210 21.66 18.32 0.19
N THR A 211 22.89 18.78 0.26
CA THR A 211 23.46 19.35 1.50
C THR A 211 23.71 20.84 1.32
N ARG A 212 22.98 21.51 0.42
CA ARG A 212 23.10 22.97 0.15
C ARG A 212 22.43 23.79 1.27
N ASN A 213 22.88 23.62 2.51
CA ASN A 213 22.25 24.21 3.71
C ASN A 213 22.26 25.74 3.62
N ASP A 214 23.30 26.30 3.01
CA ASP A 214 23.48 27.76 2.99
C ASP A 214 22.69 28.42 1.86
N GLU A 215 21.99 27.67 1.01
CA GLU A 215 21.14 28.32 -0.02
C GLU A 215 20.01 27.37 -0.37
N PRO A 216 19.10 27.06 0.59
CA PRO A 216 18.08 26.04 0.40
C PRO A 216 17.16 26.21 -0.81
N THR A 217 16.88 27.44 -1.25
CA THR A 217 15.95 27.65 -2.39
C THR A 217 16.62 27.21 -3.69
N ARG A 218 17.94 27.11 -3.73
CA ARG A 218 18.67 26.70 -4.95
C ARG A 218 19.07 25.23 -4.88
N ALA A 219 18.74 24.48 -3.82
CA ALA A 219 19.21 23.10 -3.63
C ALA A 219 18.61 22.18 -4.69
N SER A 220 17.30 22.28 -4.88
CA SER A 220 16.55 21.47 -5.86
C SER A 220 16.75 22.04 -7.25
N ARG A 221 17.55 21.38 -8.07
CA ARG A 221 18.00 21.91 -9.38
C ARG A 221 18.02 20.76 -10.38
N PRO A 222 16.82 20.22 -10.72
CA PRO A 222 16.74 19.11 -11.64
C PRO A 222 17.46 19.39 -12.96
N TRP A 223 18.31 18.44 -13.37
CA TRP A 223 19.11 18.46 -14.65
C TRP A 223 20.21 19.52 -14.63
N ASP A 224 20.37 20.29 -13.54
CA ASP A 224 21.46 21.29 -13.47
C ASP A 224 22.76 20.55 -13.17
N ARG A 225 23.90 20.95 -13.78
CA ARG A 225 25.18 20.21 -13.54
C ARG A 225 25.62 20.27 -12.07
N ASP A 226 25.12 21.21 -11.25
CA ASP A 226 25.58 21.37 -9.84
C ASP A 226 24.58 20.72 -8.85
N ARG A 227 23.67 19.87 -9.32
CA ARG A 227 22.73 19.15 -8.41
C ARG A 227 23.48 18.12 -7.55
N ASP A 228 22.96 17.86 -6.36
CA ASP A 228 23.67 17.02 -5.36
C ASP A 228 22.65 16.27 -4.51
N GLY A 229 21.49 15.96 -5.08
CA GLY A 229 20.47 15.10 -4.44
C GLY A 229 19.14 15.79 -4.21
N PHE A 230 18.17 15.04 -3.70
CA PHE A 230 16.80 15.56 -3.60
C PHE A 230 16.65 16.34 -2.31
N VAL A 231 15.58 17.12 -2.33
CA VAL A 231 15.12 17.96 -1.20
C VAL A 231 13.88 17.29 -0.63
N LEU A 232 13.91 16.99 0.65
CA LEU A 232 12.79 16.31 1.33
C LEU A 232 11.67 17.32 1.59
N SER A 233 10.44 16.92 1.26
CA SER A 233 9.26 17.81 1.34
C SER A 233 8.03 17.04 1.80
N ASP A 234 7.12 17.82 2.38
CA ASP A 234 5.93 17.28 3.08
C ASP A 234 4.67 17.79 2.38
N GLY A 235 3.57 17.04 2.54
CA GLY A 235 2.27 17.51 2.10
C GLY A 235 1.42 16.37 1.60
N SER A 236 0.50 16.68 0.68
N SER A 236 0.43 16.69 0.77
CA SER A 236 -0.59 15.78 0.28
CA SER A 236 -0.57 15.73 0.25
C SER A 236 -1.24 16.30 -1.01
C SER A 236 -1.24 16.28 -0.99
N GLY A 237 -1.72 15.38 -1.84
CA GLY A 237 -2.54 15.67 -3.00
C GLY A 237 -3.66 14.65 -3.01
N ALA A 238 -4.85 15.07 -3.32
CA ALA A 238 -6.00 14.19 -3.52
C ALA A 238 -6.77 14.63 -4.75
N LEU A 239 -7.24 13.67 -5.52
CA LEU A 239 -8.15 13.92 -6.65
C LEU A 239 -9.42 13.10 -6.43
N VAL A 240 -10.53 13.71 -6.80
CA VAL A 240 -11.78 12.96 -7.02
C VAL A 240 -11.82 12.51 -8.49
N LEU A 241 -11.69 11.21 -8.68
CA LEU A 241 -11.88 10.54 -9.97
C LEU A 241 -13.33 10.06 -10.04
N GLU A 242 -13.92 10.17 -11.21
CA GLU A 242 -15.37 9.89 -11.34
C GLU A 242 -15.61 9.30 -12.72
N GLU A 243 -16.47 8.30 -12.78
CA GLU A 243 -16.91 7.77 -14.08
C GLU A 243 -17.53 8.92 -14.90
N LEU A 244 -17.26 8.94 -16.20
CA LEU A 244 -17.65 10.08 -17.08
C LEU A 244 -19.18 10.28 -17.03
N GLU A 245 -19.96 9.24 -17.30
CA GLU A 245 -21.44 9.40 -17.40
C GLU A 245 -21.98 9.84 -16.04
N HIS A 246 -21.40 9.36 -14.94
CA HIS A 246 -21.77 9.76 -13.54
C HIS A 246 -21.50 11.25 -13.36
N ALA A 247 -20.35 11.75 -13.81
CA ALA A 247 -20.02 13.19 -13.75
C ALA A 247 -21.01 13.99 -14.63
N ARG A 248 -21.27 13.53 -15.84
CA ARG A 248 -22.15 14.24 -16.81
C ARG A 248 -23.57 14.30 -16.26
N ALA A 249 -24.03 13.17 -15.70
CA ALA A 249 -25.36 12.94 -15.11
C ALA A 249 -25.62 13.96 -14.01
N ARG A 250 -24.63 14.35 -13.20
CA ARG A 250 -24.84 15.32 -12.08
C ARG A 250 -24.39 16.74 -12.42
N GLY A 251 -24.00 17.01 -13.66
CA GLY A 251 -23.53 18.33 -14.10
C GLY A 251 -22.22 18.72 -13.44
N ALA A 252 -21.31 17.75 -13.21
CA ALA A 252 -20.02 18.03 -12.54
C ALA A 252 -19.17 18.91 -13.46
N ARG A 253 -18.41 19.83 -12.88
CA ARG A 253 -17.27 20.48 -13.56
C ARG A 253 -16.15 19.44 -13.75
N ILE A 254 -15.71 19.27 -14.99
CA ILE A 254 -14.65 18.28 -15.31
C ILE A 254 -13.37 19.04 -15.62
N TYR A 255 -12.30 18.81 -14.85
CA TYR A 255 -11.01 19.48 -15.11
C TYR A 255 -10.31 18.88 -16.32
N ALA A 256 -10.31 17.56 -16.44
CA ALA A 256 -9.54 16.81 -17.44
C ALA A 256 -9.98 15.35 -17.39
N GLU A 257 -9.61 14.58 -18.40
CA GLU A 257 -9.86 13.13 -18.44
C GLU A 257 -8.55 12.41 -18.16
N LEU A 258 -8.60 11.37 -17.34
N LEU A 258 -8.64 11.34 -17.40
CA LEU A 258 -7.47 10.44 -17.14
CA LEU A 258 -7.52 10.41 -17.13
C LEU A 258 -7.62 9.34 -18.20
C LEU A 258 -7.59 9.29 -18.16
N VAL A 259 -6.74 9.35 -19.20
CA VAL A 259 -6.81 8.41 -20.37
C VAL A 259 -5.82 7.26 -20.31
N GLY A 260 -4.74 7.39 -19.54
CA GLY A 260 -3.67 6.38 -19.58
C GLY A 260 -3.02 6.15 -18.24
N PHE A 261 -2.67 4.90 -17.96
CA PHE A 261 -1.88 4.56 -16.77
C PHE A 261 -0.93 3.45 -17.13
N GLY A 262 0.32 3.66 -16.78
CA GLY A 262 1.39 2.68 -16.98
C GLY A 262 2.09 2.38 -15.67
N MET A 263 2.51 1.13 -15.52
CA MET A 263 3.41 0.68 -14.48
C MET A 263 4.44 -0.22 -15.14
N SER A 264 5.61 -0.24 -14.55
CA SER A 264 6.67 -1.20 -14.91
C SER A 264 7.60 -1.29 -13.70
N GLY A 265 8.34 -2.39 -13.64
CA GLY A 265 9.46 -2.56 -12.71
C GLY A 265 10.75 -2.50 -13.47
N ASP A 266 11.72 -1.80 -12.95
CA ASP A 266 13.08 -1.74 -13.54
C ASP A 266 13.72 -3.12 -13.42
N ALA A 267 13.51 -3.77 -12.28
CA ALA A 267 14.23 -5.00 -11.88
C ALA A 267 15.74 -4.79 -11.96
N PHE A 268 16.25 -3.64 -11.48
CA PHE A 268 17.66 -3.21 -11.70
C PHE A 268 18.40 -3.11 -10.37
N HIS A 269 17.97 -2.20 -9.48
CA HIS A 269 18.65 -1.86 -8.21
C HIS A 269 17.63 -1.41 -7.15
N MET A 270 17.91 -1.67 -5.87
CA MET A 270 16.98 -1.29 -4.77
C MET A 270 16.72 0.21 -4.78
N THR A 271 17.70 1.06 -5.12
CA THR A 271 17.56 2.53 -4.98
C THR A 271 17.94 3.27 -6.27
N ALA A 272 18.85 2.74 -7.07
CA ALA A 272 19.43 3.42 -8.24
C ALA A 272 18.57 3.17 -9.48
N PRO A 273 18.23 4.21 -10.27
CA PRO A 273 17.56 3.95 -11.54
C PRO A 273 18.61 3.53 -12.56
N PRO A 274 18.29 2.72 -13.58
CA PRO A 274 19.27 2.44 -14.63
C PRO A 274 19.54 3.71 -15.45
N GLU A 275 20.80 3.97 -15.79
CA GLU A 275 21.24 5.21 -16.49
C GLU A 275 20.46 5.41 -17.81
N ASP A 276 20.06 4.35 -18.50
CA ASP A 276 19.37 4.46 -19.82
C ASP A 276 17.86 4.66 -19.65
N GLY A 277 17.33 4.68 -18.43
CA GLY A 277 15.90 4.89 -18.16
C GLY A 277 15.02 3.82 -18.79
N ALA A 278 15.49 2.58 -18.94
CA ALA A 278 14.72 1.53 -19.67
C ALA A 278 13.37 1.22 -18.99
N GLY A 279 13.30 1.15 -17.66
CA GLY A 279 12.03 0.86 -16.97
C GLY A 279 11.07 2.02 -17.13
N ALA A 280 11.54 3.25 -16.99
CA ALA A 280 10.74 4.48 -17.19
C ALA A 280 10.17 4.49 -18.63
N ALA A 281 11.01 4.13 -19.62
CA ALA A 281 10.59 4.10 -21.03
C ALA A 281 9.49 3.04 -21.17
N ARG A 282 9.69 1.85 -20.60
CA ARG A 282 8.66 0.78 -20.68
C ARG A 282 7.36 1.28 -20.06
N CYS A 283 7.47 1.96 -18.92
CA CYS A 283 6.28 2.49 -18.20
C CYS A 283 5.51 3.52 -19.05
N MET A 284 6.22 4.47 -19.64
CA MET A 284 5.60 5.53 -20.47
C MET A 284 4.97 4.89 -21.70
N LYS A 285 5.66 3.95 -22.33
CA LYS A 285 5.07 3.29 -23.51
C LYS A 285 3.79 2.57 -23.10
N ASN A 286 3.79 1.85 -21.99
CA ASN A 286 2.57 1.19 -21.48
C ASN A 286 1.44 2.20 -21.37
N ALA A 287 1.69 3.36 -20.75
CA ALA A 287 0.67 4.41 -20.51
C ALA A 287 0.16 4.96 -21.87
N LEU A 288 1.04 5.20 -22.83
CA LEU A 288 0.66 5.84 -24.11
C LEU A 288 -0.21 4.86 -24.89
N ARG A 289 0.15 3.58 -24.88
CA ARG A 289 -0.65 2.51 -25.54
C ARG A 289 -2.00 2.39 -24.82
N ASP A 290 -1.99 2.44 -23.49
CA ASP A 290 -3.23 2.40 -22.66
C ASP A 290 -4.18 3.53 -23.09
N ALA A 291 -3.64 4.70 -23.43
CA ALA A 291 -4.39 5.92 -23.80
C ALA A 291 -4.74 5.94 -25.31
N GLY A 292 -4.26 4.98 -26.09
CA GLY A 292 -4.53 4.92 -27.53
C GLY A 292 -3.87 6.07 -28.25
N LEU A 293 -2.72 6.56 -27.76
CA LEU A 293 -2.12 7.79 -28.33
C LEU A 293 -0.96 7.45 -29.26
N ASP A 294 -0.78 8.35 -30.21
CA ASP A 294 0.51 8.58 -30.89
C ASP A 294 1.38 9.37 -29.92
N PRO A 295 2.64 8.96 -29.63
CA PRO A 295 3.50 9.71 -28.71
C PRO A 295 3.66 11.18 -29.09
N ARG A 296 3.56 11.52 -30.38
CA ARG A 296 3.60 12.93 -30.82
C ARG A 296 2.44 13.77 -30.25
N GLN A 297 1.38 13.16 -29.69
CA GLN A 297 0.28 13.95 -29.07
C GLN A 297 0.76 14.53 -27.73
N VAL A 298 1.81 13.97 -27.15
CA VAL A 298 2.25 14.46 -25.82
C VAL A 298 2.81 15.88 -25.93
N ASP A 299 2.22 16.82 -25.18
CA ASP A 299 2.60 18.25 -25.19
C ASP A 299 3.46 18.59 -23.95
N TYR A 300 3.18 18.00 -22.80
CA TYR A 300 3.80 18.41 -21.53
C TYR A 300 4.06 17.15 -20.71
N ILE A 301 5.24 17.10 -20.13
CA ILE A 301 5.59 16.03 -19.17
C ILE A 301 5.98 16.71 -17.86
N ASN A 302 5.24 16.40 -16.81
CA ASN A 302 5.66 16.68 -15.43
C ASN A 302 6.58 15.53 -15.04
N ALA A 303 7.89 15.78 -15.14
CA ALA A 303 8.94 14.79 -14.83
C ALA A 303 8.89 14.38 -13.36
N HIS A 304 9.46 13.24 -13.05
CA HIS A 304 9.83 12.93 -11.64
C HIS A 304 10.88 13.95 -11.21
N GLY A 305 11.99 14.07 -11.95
CA GLY A 305 12.89 15.24 -11.83
C GLY A 305 13.29 15.53 -10.38
N THR A 306 13.94 14.60 -9.72
CA THR A 306 14.21 14.65 -8.26
C THR A 306 15.43 15.52 -7.91
N SER A 307 16.27 15.85 -8.88
CA SER A 307 17.56 16.57 -8.61
C SER A 307 18.64 15.61 -8.08
N THR A 308 18.56 14.34 -8.43
CA THR A 308 19.66 13.38 -8.22
C THR A 308 20.44 13.29 -9.52
N PRO A 309 21.77 13.08 -9.40
CA PRO A 309 22.59 12.87 -10.60
C PRO A 309 21.99 11.76 -11.49
N ALA A 310 21.81 10.54 -10.99
CA ALA A 310 21.46 9.40 -11.87
C ALA A 310 19.99 9.54 -12.31
N GLY A 311 19.12 9.92 -11.39
CA GLY A 311 17.67 9.94 -11.71
C GLY A 311 17.34 10.89 -12.85
N ASP A 312 17.80 12.12 -12.78
CA ASP A 312 17.46 13.17 -13.77
C ASP A 312 17.95 12.74 -15.14
N ILE A 313 19.15 12.17 -15.24
CA ILE A 313 19.71 11.81 -16.56
C ILE A 313 18.96 10.59 -17.14
N ALA A 314 18.58 9.61 -16.32
CA ALA A 314 17.80 8.45 -16.77
C ALA A 314 16.46 8.92 -17.37
N GLU A 315 15.84 9.97 -16.80
CA GLU A 315 14.55 10.49 -17.32
C GLU A 315 14.74 11.07 -18.71
N ILE A 316 15.82 11.83 -18.91
CA ILE A 316 16.12 12.38 -20.27
C ILE A 316 16.23 11.20 -21.23
N ALA A 317 17.00 10.18 -20.86
CA ALA A 317 17.26 9.03 -21.75
C ALA A 317 15.94 8.33 -22.07
N ALA A 318 15.03 8.19 -21.10
CA ALA A 318 13.75 7.48 -21.31
C ALA A 318 12.83 8.29 -22.23
N VAL A 319 12.78 9.60 -22.03
CA VAL A 319 11.93 10.48 -22.88
C VAL A 319 12.46 10.48 -24.31
N LYS A 320 13.77 10.59 -24.51
CA LYS A 320 14.34 10.52 -25.89
C LYS A 320 14.03 9.15 -26.49
N SER A 321 14.14 8.06 -25.72
CA SER A 321 13.87 6.72 -26.25
C SER A 321 12.38 6.60 -26.64
N VAL A 322 11.42 7.12 -25.84
CA VAL A 322 9.96 6.97 -26.10
C VAL A 322 9.52 7.91 -27.23
N PHE A 323 10.04 9.13 -27.27
CA PHE A 323 9.48 10.19 -28.12
C PHE A 323 10.35 10.49 -29.35
N GLY A 324 11.58 9.94 -29.45
CA GLY A 324 12.44 10.17 -30.61
C GLY A 324 12.52 11.66 -30.92
N GLU A 325 12.28 12.07 -32.16
CA GLU A 325 12.45 13.51 -32.56
C GLU A 325 11.42 14.37 -31.84
N HIS A 326 10.26 13.82 -31.52
CA HIS A 326 9.21 14.61 -30.83
C HIS A 326 9.69 15.00 -29.42
N ALA A 327 10.72 14.36 -28.88
CA ALA A 327 11.29 14.71 -27.56
C ALA A 327 11.72 16.18 -27.54
N HIS A 328 12.02 16.75 -28.71
CA HIS A 328 12.49 18.14 -28.91
C HIS A 328 11.31 19.11 -29.04
N ALA A 329 10.07 18.62 -29.21
CA ALA A 329 8.88 19.47 -29.44
C ALA A 329 8.06 19.61 -28.16
N LEU A 330 7.98 18.56 -27.34
CA LEU A 330 7.20 18.63 -26.09
C LEU A 330 7.98 19.51 -25.10
N SER A 331 7.31 19.89 -24.04
CA SER A 331 7.90 20.60 -22.88
C SER A 331 7.90 19.65 -21.68
N MET A 332 9.00 19.60 -20.96
CA MET A 332 9.11 18.73 -19.76
C MET A 332 9.68 19.59 -18.65
N SER A 333 9.06 19.58 -17.49
CA SER A 333 9.59 20.34 -16.33
C SER A 333 9.47 19.50 -15.07
N SER A 334 10.26 19.86 -14.08
CA SER A 334 10.17 19.28 -12.73
C SER A 334 9.72 20.36 -11.78
N THR A 335 8.50 20.24 -11.25
CA THR A 335 8.01 21.17 -10.22
C THR A 335 8.70 20.89 -8.88
N LYS A 336 9.46 19.78 -8.75
CA LYS A 336 10.26 19.52 -7.54
C LYS A 336 11.35 20.59 -7.41
N SER A 337 11.67 21.28 -8.51
CA SER A 337 12.54 22.48 -8.47
C SER A 337 12.04 23.50 -7.44
N MET A 338 10.73 23.60 -7.27
CA MET A 338 10.06 24.54 -6.35
C MET A 338 9.53 23.85 -5.07
N THR A 339 8.92 22.68 -5.20
CA THR A 339 8.24 21.99 -4.07
C THR A 339 9.18 21.09 -3.30
N GLY A 340 10.28 20.69 -3.90
CA GLY A 340 11.05 19.56 -3.39
C GLY A 340 10.28 18.28 -3.64
N HIS A 341 10.79 17.20 -3.09
CA HIS A 341 10.29 15.82 -3.30
C HIS A 341 9.38 15.39 -2.13
N LEU A 342 8.09 15.32 -2.40
CA LEU A 342 7.07 14.93 -1.39
C LEU A 342 6.93 13.41 -1.32
N LEU A 343 7.86 12.67 -1.90
CA LEU A 343 7.95 11.21 -1.74
C LEU A 343 6.60 10.61 -2.14
N GLY A 344 5.94 9.90 -1.23
CA GLY A 344 4.67 9.23 -1.62
C GLY A 344 3.60 10.21 -2.07
N ALA A 345 3.67 11.51 -1.71
CA ALA A 345 2.70 12.52 -2.16
C ALA A 345 3.15 13.14 -3.49
N ALA A 346 4.40 12.93 -3.94
CA ALA A 346 4.94 13.62 -5.14
C ALA A 346 4.02 13.41 -6.35
N GLY A 347 3.63 12.17 -6.60
CA GLY A 347 2.84 11.84 -7.79
C GLY A 347 1.44 12.42 -7.66
N ALA A 348 0.96 12.60 -6.44
CA ALA A 348 -0.38 13.20 -6.24
C ALA A 348 -0.37 14.72 -6.53
N VAL A 349 0.57 15.49 -5.95
CA VAL A 349 0.57 16.96 -6.22
C VAL A 349 0.94 17.20 -7.69
N GLU A 350 1.78 16.34 -8.29
CA GLU A 350 2.25 16.53 -9.68
C GLU A 350 1.14 16.13 -10.66
N ALA A 351 0.28 15.19 -10.31
CA ALA A 351 -0.92 14.89 -11.12
C ALA A 351 -1.78 16.16 -11.15
N ILE A 352 -1.93 16.81 -9.99
CA ILE A 352 -2.76 18.06 -9.89
C ILE A 352 -2.09 19.13 -10.77
N PHE A 353 -0.77 19.25 -10.71
CA PHE A 353 -0.05 20.29 -11.50
C PHE A 353 -0.24 19.99 -12.99
N SER A 354 -0.23 18.71 -13.38
CA SER A 354 -0.46 18.30 -14.78
C SER A 354 -1.87 18.69 -15.25
N VAL A 355 -2.87 18.43 -14.41
CA VAL A 355 -4.27 18.80 -14.74
C VAL A 355 -4.35 20.32 -14.85
N LEU A 356 -3.68 21.07 -13.96
CA LEU A 356 -3.77 22.55 -14.01
C LEU A 356 -2.99 23.09 -15.22
N ALA A 357 -1.92 22.42 -15.64
CA ALA A 357 -1.19 22.73 -16.88
C ALA A 357 -2.18 22.64 -18.07
N LEU A 358 -3.08 21.64 -18.05
CA LEU A 358 -4.08 21.48 -19.12
C LEU A 358 -5.10 22.61 -19.00
N ARG A 359 -5.61 22.87 -17.79
CA ARG A 359 -6.65 23.90 -17.59
C ARG A 359 -6.11 25.25 -18.08
N ASP A 360 -4.90 25.63 -17.74
CA ASP A 360 -4.37 27.01 -17.93
C ASP A 360 -3.51 27.12 -19.18
N GLN A 361 -3.24 26.03 -19.88
CA GLN A 361 -2.34 25.98 -21.07
C GLN A 361 -1.01 26.64 -20.75
N VAL A 362 -0.34 26.13 -19.72
CA VAL A 362 0.97 26.67 -19.31
C VAL A 362 1.82 25.53 -18.79
N ALA A 363 3.07 25.44 -19.25
CA ALA A 363 4.07 24.53 -18.69
C ALA A 363 4.73 25.22 -17.51
N PRO A 364 4.62 24.66 -16.30
CA PRO A 364 5.35 25.18 -15.14
C PRO A 364 6.85 25.11 -15.37
N PRO A 365 7.62 26.04 -14.76
CA PRO A 365 9.06 26.07 -14.94
C PRO A 365 9.81 24.98 -14.18
N THR A 366 10.99 24.63 -14.66
CA THR A 366 12.04 24.01 -13.81
C THR A 366 12.91 25.16 -13.32
N ILE A 367 12.72 25.65 -12.10
CA ILE A 367 13.62 26.72 -11.57
C ILE A 367 15.01 26.13 -11.29
N ASN A 368 16.00 27.02 -11.13
CA ASN A 368 17.40 26.68 -10.77
C ASN A 368 18.15 25.98 -11.90
N LEU A 369 17.61 25.90 -13.12
CA LEU A 369 18.28 25.16 -14.21
C LEU A 369 19.24 26.14 -14.89
N ASP A 370 20.28 26.51 -14.18
CA ASP A 370 21.27 27.53 -14.61
C ASP A 370 22.16 26.94 -15.71
N ASN A 371 22.65 25.74 -15.51
CA ASN A 371 23.61 25.06 -16.43
C ASN A 371 23.15 23.63 -16.65
N PRO A 372 22.29 23.38 -17.68
CA PRO A 372 21.85 22.02 -17.98
C PRO A 372 23.02 21.09 -18.18
N ASP A 373 22.94 19.90 -17.59
CA ASP A 373 24.03 18.91 -17.64
C ASP A 373 24.16 18.35 -19.07
N GLU A 374 25.23 17.61 -19.31
CA GLU A 374 25.48 16.85 -20.55
C GLU A 374 24.21 16.07 -20.93
N GLY A 375 23.76 16.26 -22.16
CA GLY A 375 22.64 15.55 -22.80
C GLY A 375 21.27 16.03 -22.32
N CYS A 376 21.21 17.01 -21.40
CA CYS A 376 19.94 17.54 -20.85
C CYS A 376 19.50 18.71 -21.74
N ASP A 377 19.22 18.43 -23.02
CA ASP A 377 19.10 19.47 -24.09
C ASP A 377 17.68 19.49 -24.64
N LEU A 378 16.73 18.96 -23.90
CA LEU A 378 15.30 19.12 -24.24
C LEU A 378 14.77 20.49 -23.80
N ASP A 379 13.55 20.82 -24.18
CA ASP A 379 12.85 21.97 -23.57
C ASP A 379 12.45 21.59 -22.13
N LEU A 380 13.22 22.02 -21.13
CA LEU A 380 13.00 21.72 -19.70
C LEU A 380 12.38 22.94 -19.01
N VAL A 381 11.89 23.89 -19.79
CA VAL A 381 11.11 25.06 -19.32
C VAL A 381 11.95 25.76 -18.25
N ALA A 382 13.23 25.93 -18.51
CA ALA A 382 14.13 26.57 -17.52
C ALA A 382 13.56 27.91 -17.01
N HIS A 383 13.60 28.11 -15.69
CA HIS A 383 13.45 29.42 -14.98
C HIS A 383 12.01 29.95 -14.96
N GLU A 384 11.30 29.98 -16.09
CA GLU A 384 10.02 30.72 -16.21
C GLU A 384 8.94 29.85 -16.84
N ALA A 385 7.72 29.98 -16.34
CA ALA A 385 6.53 29.27 -16.86
C ALA A 385 6.41 29.57 -18.35
N LYS A 386 5.98 28.60 -19.16
CA LYS A 386 5.87 28.77 -20.63
C LYS A 386 4.44 28.50 -21.06
N PRO A 387 3.66 29.54 -21.41
CA PRO A 387 2.37 29.33 -22.05
C PRO A 387 2.55 28.58 -23.37
N ARG A 388 1.71 27.60 -23.65
CA ARG A 388 1.84 26.74 -24.85
C ARG A 388 0.57 25.90 -24.93
N LYS A 389 0.34 25.36 -26.12
CA LYS A 389 -0.71 24.37 -26.37
C LYS A 389 -0.35 23.09 -25.60
N ILE A 390 -1.29 22.64 -24.78
CA ILE A 390 -1.21 21.35 -24.06
C ILE A 390 -2.55 20.64 -24.21
N ASP A 391 -2.60 19.63 -25.06
CA ASP A 391 -3.78 18.74 -25.15
C ASP A 391 -3.60 17.51 -24.26
N VAL A 392 -2.36 17.02 -24.22
CA VAL A 392 -2.00 15.78 -23.50
C VAL A 392 -0.85 16.10 -22.56
N ALA A 393 -1.01 15.70 -21.30
CA ALA A 393 0.01 15.87 -20.29
C ALA A 393 0.29 14.52 -19.65
N LEU A 394 1.57 14.26 -19.40
N LEU A 394 1.58 14.20 -19.50
CA LEU A 394 2.06 13.02 -18.77
CA LEU A 394 2.06 13.03 -18.73
C LEU A 394 2.74 13.38 -17.43
C LEU A 394 2.56 13.49 -17.36
N SER A 395 2.50 12.59 -16.39
CA SER A 395 3.16 12.75 -15.08
C SER A 395 3.88 11.45 -14.77
N ASN A 396 5.19 11.52 -14.54
CA ASN A 396 6.00 10.30 -14.24
C ASN A 396 6.44 10.26 -12.79
N SER A 397 6.55 9.05 -12.26
CA SER A 397 7.14 8.82 -10.94
C SER A 397 7.95 7.55 -11.04
N PHE A 398 9.09 7.53 -10.33
N PHE A 398 9.13 7.53 -10.41
CA PHE A 398 10.01 6.38 -10.19
CA PHE A 398 9.85 6.26 -10.17
C PHE A 398 10.36 6.27 -8.70
C PHE A 398 10.19 6.23 -8.68
N GLY A 399 10.56 5.05 -8.19
CA GLY A 399 10.76 4.87 -6.76
C GLY A 399 11.73 3.78 -6.50
N PHE A 400 12.10 3.71 -5.22
CA PHE A 400 12.84 2.56 -4.68
C PHE A 400 12.14 1.27 -5.06
N GLY A 401 12.93 0.23 -5.25
CA GLY A 401 12.44 -1.07 -5.69
C GLY A 401 12.27 -1.09 -7.19
N GLY A 402 12.69 -0.04 -7.86
CA GLY A 402 12.58 0.08 -9.35
C GLY A 402 11.14 0.20 -9.80
N THR A 403 10.29 0.85 -9.00
N THR A 403 10.31 0.77 -8.93
CA THR A 403 8.84 0.91 -9.25
CA THR A 403 8.89 1.05 -9.20
C THR A 403 8.48 2.22 -9.98
C THR A 403 8.81 2.19 -10.21
N ASN A 404 7.88 2.09 -11.15
CA ASN A 404 7.60 3.20 -12.09
C ASN A 404 6.07 3.35 -12.28
N GLY A 405 5.62 4.58 -12.41
CA GLY A 405 4.24 4.88 -12.78
C GLY A 405 4.17 6.07 -13.69
N THR A 406 3.21 6.01 -14.61
CA THR A 406 2.93 7.13 -15.52
C THR A 406 1.43 7.33 -15.60
N LEU A 407 0.99 8.58 -15.47
CA LEU A 407 -0.40 8.98 -15.73
C LEU A 407 -0.46 9.88 -16.96
N VAL A 408 -1.44 9.63 -17.83
CA VAL A 408 -1.74 10.41 -19.03
C VAL A 408 -3.10 11.09 -18.86
N PHE A 409 -3.09 12.42 -18.88
CA PHE A 409 -4.27 13.29 -18.79
C PHE A 409 -4.48 13.96 -20.14
N ARG A 410 -5.73 14.28 -20.46
CA ARG A 410 -5.96 15.10 -21.66
C ARG A 410 -7.16 16.01 -21.43
N ARG A 411 -7.21 17.10 -22.19
CA ARG A 411 -8.32 18.08 -22.13
C ARG A 411 -9.61 17.32 -22.35
N PHE A 412 -10.66 17.70 -21.64
CA PHE A 412 -12.00 17.10 -21.87
C PHE A 412 -12.91 18.16 -22.49
N ALA A 413 -13.65 17.79 -23.54
CA ALA A 413 -14.50 18.70 -24.37
C ALA A 413 -15.99 18.50 -24.05
N SER B 2 -15.19 -8.63 -21.14
CA SER B 2 -15.00 -9.98 -20.53
C SER B 2 -13.69 -10.02 -19.73
N ARG B 3 -13.44 -11.15 -19.06
CA ARG B 3 -12.40 -11.30 -18.01
C ARG B 3 -11.69 -12.65 -18.11
N ARG B 4 -10.37 -12.67 -18.00
CA ARG B 4 -9.60 -13.94 -18.01
C ARG B 4 -9.71 -14.64 -16.65
N ARG B 5 -9.58 -15.96 -16.65
CA ARG B 5 -9.61 -16.77 -15.42
C ARG B 5 -8.21 -16.79 -14.80
N VAL B 6 -8.20 -16.86 -13.47
CA VAL B 6 -6.99 -16.77 -12.63
C VAL B 6 -6.93 -18.02 -11.75
N VAL B 7 -5.82 -18.74 -11.81
CA VAL B 7 -5.57 -19.93 -10.96
C VAL B 7 -4.32 -19.73 -10.12
N ILE B 8 -4.22 -20.55 -9.08
CA ILE B 8 -3.10 -20.60 -8.12
C ILE B 8 -2.20 -21.77 -8.51
N THR B 9 -0.96 -21.47 -8.86
CA THR B 9 0.00 -22.51 -9.35
C THR B 9 1.19 -22.67 -8.41
N GLY B 10 1.33 -21.83 -7.38
CA GLY B 10 2.48 -21.87 -6.47
C GLY B 10 2.12 -21.23 -5.14
N MET B 11 2.57 -21.83 -4.03
CA MET B 11 2.32 -21.21 -2.71
C MET B 11 3.58 -21.32 -1.84
N GLY B 12 3.76 -20.36 -0.95
CA GLY B 12 4.93 -20.23 -0.06
C GLY B 12 4.54 -19.57 1.24
N MET B 13 5.19 -19.93 2.34
CA MET B 13 4.73 -19.47 3.68
C MET B 13 5.86 -19.59 4.70
N LEU B 14 5.94 -18.61 5.61
CA LEU B 14 6.48 -18.77 6.97
C LEU B 14 5.35 -18.53 7.95
N SER B 15 5.22 -19.38 8.96
CA SER B 15 4.18 -19.13 9.98
C SER B 15 4.68 -19.61 11.33
N PRO B 16 3.90 -19.34 12.39
CA PRO B 16 4.19 -19.89 13.70
C PRO B 16 4.13 -21.43 13.73
N LEU B 17 3.55 -22.08 12.72
CA LEU B 17 3.40 -23.56 12.65
C LEU B 17 4.52 -24.19 11.83
N GLY B 18 5.25 -23.41 11.03
CA GLY B 18 6.24 -24.05 10.13
C GLY B 18 6.90 -23.11 9.17
N LEU B 19 7.96 -23.58 8.54
CA LEU B 19 8.85 -22.74 7.71
C LEU B 19 8.49 -22.95 6.23
N ASP B 20 7.38 -23.64 5.95
CA ASP B 20 6.84 -23.78 4.59
C ASP B 20 5.35 -24.10 4.67
N VAL B 21 4.74 -24.23 3.52
CA VAL B 21 3.30 -24.56 3.47
C VAL B 21 3.03 -25.94 4.04
N PRO B 22 3.66 -27.04 3.57
CA PRO B 22 3.23 -28.36 4.02
C PRO B 22 3.40 -28.53 5.54
N SER B 23 4.46 -28.02 6.14
CA SER B 23 4.65 -28.14 7.60
C SER B 23 3.54 -27.35 8.32
N SER B 24 3.27 -26.13 7.86
CA SER B 24 2.22 -25.29 8.45
C SER B 24 0.86 -26.00 8.36
N TRP B 25 0.52 -26.49 7.17
CA TRP B 25 -0.78 -27.15 6.91
C TRP B 25 -0.92 -28.42 7.76
N GLU B 26 0.15 -29.19 7.92
CA GLU B 26 0.15 -30.38 8.83
C GLU B 26 -0.25 -29.94 10.24
N GLY B 27 0.33 -28.84 10.76
CA GLY B 27 -0.02 -28.32 12.09
C GLY B 27 -1.48 -27.88 12.15
N ILE B 28 -1.96 -27.21 11.11
CA ILE B 28 -3.37 -26.71 11.07
C ILE B 28 -4.35 -27.90 11.19
N LEU B 29 -4.12 -28.95 10.42
CA LEU B 29 -5.08 -30.10 10.38
C LEU B 29 -4.96 -30.89 11.69
N ALA B 30 -3.82 -30.85 12.38
CA ALA B 30 -3.60 -31.50 13.70
C ALA B 30 -4.09 -30.62 14.87
N GLY B 31 -4.57 -29.41 14.63
CA GLY B 31 -5.02 -28.52 15.71
C GLY B 31 -3.90 -28.04 16.60
N ARG B 32 -2.68 -28.01 16.09
CA ARG B 32 -1.50 -27.57 16.86
C ARG B 32 -1.49 -26.04 16.93
N SER B 33 -1.15 -25.48 18.09
CA SER B 33 -0.87 -24.05 18.34
C SER B 33 0.59 -23.71 18.02
N GLY B 34 0.82 -22.56 17.39
CA GLY B 34 2.16 -21.98 17.18
C GLY B 34 2.50 -20.92 18.21
N ILE B 35 1.67 -20.75 19.24
CA ILE B 35 1.76 -19.61 20.18
C ILE B 35 2.62 -20.03 21.38
N ALA B 36 3.54 -19.16 21.78
CA ALA B 36 4.50 -19.43 22.87
C ALA B 36 5.02 -18.11 23.42
N PRO B 37 5.58 -18.09 24.65
CA PRO B 37 6.23 -16.90 25.14
C PRO B 37 7.32 -16.44 24.16
N ILE B 38 7.42 -15.13 23.95
CA ILE B 38 8.40 -14.54 23.00
C ILE B 38 9.79 -14.59 23.63
N GLU B 39 10.81 -14.94 22.85
CA GLU B 39 12.19 -15.12 23.37
C GLU B 39 13.11 -14.00 22.87
N HIS B 40 14.29 -13.94 23.49
CA HIS B 40 15.39 -13.00 23.14
C HIS B 40 14.72 -11.65 22.82
N MET B 41 14.18 -11.08 23.89
CA MET B 41 13.38 -9.85 23.91
C MET B 41 12.64 -9.80 25.25
N ASP B 42 12.99 -8.83 26.07
CA ASP B 42 12.60 -8.68 27.50
C ASP B 42 11.20 -8.05 27.56
N LEU B 43 10.17 -8.87 27.78
CA LEU B 43 8.75 -8.40 27.84
C LEU B 43 8.27 -8.32 29.30
N SER B 44 9.05 -7.68 30.18
CA SER B 44 8.79 -7.60 31.65
C SER B 44 7.75 -6.53 31.96
N ALA B 45 7.96 -5.30 31.51
CA ALA B 45 7.03 -4.20 31.79
C ALA B 45 5.74 -4.36 30.97
N TYR B 46 5.51 -5.54 30.30
CA TYR B 46 4.45 -5.73 29.25
C TYR B 46 3.35 -6.69 29.74
N SER B 47 2.08 -6.40 29.44
CA SER B 47 0.92 -7.24 29.87
C SER B 47 0.72 -8.48 28.97
N THR B 48 1.31 -8.48 27.77
CA THR B 48 1.34 -9.66 26.89
C THR B 48 2.80 -10.04 26.60
N ARG B 49 3.16 -11.29 26.86
CA ARG B 49 4.56 -11.78 26.79
C ARG B 49 4.64 -12.97 25.82
N PHE B 50 3.59 -13.22 25.05
CA PHE B 50 3.54 -14.40 24.15
C PHE B 50 3.01 -13.93 22.79
N GLY B 51 3.11 -14.83 21.82
CA GLY B 51 2.67 -14.57 20.44
C GLY B 51 3.06 -15.70 19.53
N GLY B 52 2.86 -15.52 18.22
CA GLY B 52 3.25 -16.50 17.20
C GLY B 52 4.53 -16.09 16.52
N SER B 53 5.64 -16.68 16.91
CA SER B 53 6.97 -16.39 16.32
C SER B 53 7.25 -17.37 15.19
N VAL B 54 8.03 -16.93 14.21
CA VAL B 54 8.65 -17.85 13.23
C VAL B 54 9.88 -18.46 13.92
N LYS B 55 9.93 -19.78 14.03
CA LYS B 55 11.01 -20.51 14.76
C LYS B 55 11.98 -21.15 13.76
N GLY B 56 13.25 -20.79 13.91
CA GLY B 56 14.37 -21.43 13.20
C GLY B 56 14.49 -20.96 11.74
N PHE B 57 13.94 -19.81 11.42
CA PHE B 57 14.08 -19.17 10.08
C PHE B 57 15.57 -18.97 9.77
N ASN B 58 15.97 -19.49 8.64
CA ASN B 58 17.34 -19.37 8.11
C ASN B 58 17.31 -18.56 6.83
N VAL B 59 17.54 -17.25 6.92
CA VAL B 59 17.48 -16.34 5.76
C VAL B 59 18.58 -16.67 4.74
N GLU B 60 19.67 -17.30 5.15
CA GLU B 60 20.77 -17.67 4.20
C GLU B 60 20.39 -18.83 3.26
N GLU B 61 19.23 -19.45 3.42
CA GLU B 61 18.66 -20.31 2.34
C GLU B 61 18.20 -19.47 1.15
N TYR B 62 17.97 -18.16 1.33
CA TYR B 62 17.40 -17.28 0.28
C TYR B 62 18.39 -16.21 -0.15
N LEU B 63 19.06 -15.58 0.82
CA LEU B 63 19.93 -14.40 0.62
C LEU B 63 21.31 -14.65 1.20
N SER B 64 22.29 -13.92 0.66
CA SER B 64 23.60 -13.84 1.33
C SER B 64 23.43 -13.14 2.69
N ALA B 65 24.32 -13.37 3.66
CA ALA B 65 24.24 -12.69 4.98
C ALA B 65 24.28 -11.17 4.75
N LYS B 66 25.11 -10.75 3.81
CA LYS B 66 25.29 -9.30 3.57
C LYS B 66 24.01 -8.65 3.04
N GLU B 67 23.33 -9.29 2.07
N GLU B 67 23.39 -9.30 2.03
CA GLU B 67 22.05 -8.76 1.54
CA GLU B 67 22.05 -8.97 1.47
C GLU B 67 20.98 -8.82 2.64
C GLU B 67 21.03 -8.85 2.62
N ALA B 68 21.00 -9.86 3.47
CA ALA B 68 19.99 -10.02 4.56
C ALA B 68 20.17 -8.90 5.59
N ARG B 69 21.41 -8.45 5.84
CA ARG B 69 21.70 -7.39 6.85
C ARG B 69 21.03 -6.07 6.45
N LYS B 70 20.66 -5.90 5.19
CA LYS B 70 20.09 -4.64 4.64
C LYS B 70 18.58 -4.61 4.87
N LEU B 71 17.96 -5.71 5.30
CA LEU B 71 16.49 -5.86 5.21
C LEU B 71 15.88 -6.17 6.58
N ASP B 72 14.81 -5.44 6.90
CA ASP B 72 13.96 -5.80 8.05
C ASP B 72 13.48 -7.25 7.95
N LEU B 73 13.24 -7.85 9.10
CA LEU B 73 12.66 -9.19 9.17
C LEU B 73 11.39 -9.27 8.31
N PHE B 74 10.48 -8.29 8.30
CA PHE B 74 9.21 -8.49 7.55
C PHE B 74 9.54 -8.65 6.06
N ILE B 75 10.59 -7.99 5.58
CA ILE B 75 11.00 -8.12 4.14
C ILE B 75 11.64 -9.49 3.93
N GLN B 76 12.53 -9.90 4.83
CA GLN B 76 13.12 -11.26 4.74
C GLN B 76 11.99 -12.30 4.65
N TYR B 77 10.98 -12.20 5.52
CA TYR B 77 9.87 -13.19 5.57
C TYR B 77 9.09 -13.15 4.25
N GLY B 78 8.81 -11.94 3.76
CA GLY B 78 8.09 -11.84 2.48
C GLY B 78 8.87 -12.45 1.34
N LEU B 79 10.16 -12.21 1.29
CA LEU B 79 11.01 -12.77 0.22
C LEU B 79 11.07 -14.27 0.34
N ALA B 80 11.18 -14.82 1.53
CA ALA B 80 11.19 -16.29 1.72
C ALA B 80 9.89 -16.92 1.15
N ALA B 81 8.73 -16.40 1.53
CA ALA B 81 7.44 -16.94 1.05
C ALA B 81 7.39 -16.79 -0.47
N SER B 82 7.80 -15.64 -1.00
CA SER B 82 7.74 -15.38 -2.46
C SER B 82 8.64 -16.36 -3.23
N PHE B 83 9.88 -16.54 -2.76
CA PHE B 83 10.83 -17.46 -3.46
C PHE B 83 10.25 -18.87 -3.42
N GLN B 84 9.71 -19.28 -2.27
CA GLN B 84 9.06 -20.61 -2.12
C GLN B 84 7.95 -20.72 -3.15
N ALA B 85 7.09 -19.70 -3.25
CA ALA B 85 5.90 -19.76 -4.12
C ALA B 85 6.35 -19.87 -5.59
N VAL B 86 7.32 -19.06 -6.01
CA VAL B 86 7.79 -19.09 -7.40
C VAL B 86 8.43 -20.46 -7.68
N ARG B 87 9.24 -20.97 -6.78
CA ARG B 87 9.79 -22.35 -6.95
C ARG B 87 8.66 -23.39 -7.06
N ASP B 88 7.65 -23.32 -6.20
CA ASP B 88 6.52 -24.26 -6.15
C ASP B 88 5.76 -24.21 -7.48
N SER B 89 5.78 -23.07 -8.15
CA SER B 89 4.99 -22.88 -9.40
C SER B 89 5.66 -23.55 -10.60
N GLY B 90 6.98 -23.80 -10.55
CA GLY B 90 7.78 -24.27 -11.68
C GLY B 90 7.95 -23.22 -12.76
N LEU B 91 7.52 -21.97 -12.55
CA LEU B 91 7.52 -21.02 -13.67
C LEU B 91 8.96 -20.71 -14.07
N GLU B 92 9.21 -20.59 -15.37
CA GLU B 92 10.52 -20.19 -15.92
C GLU B 92 10.37 -18.75 -16.42
N VAL B 93 11.05 -17.82 -15.76
CA VAL B 93 11.10 -16.41 -16.19
C VAL B 93 12.11 -16.29 -17.34
N THR B 94 11.69 -15.64 -18.42
CA THR B 94 12.48 -15.46 -19.66
C THR B 94 12.35 -14.05 -20.17
N ASP B 95 13.17 -13.70 -21.15
CA ASP B 95 13.08 -12.38 -21.81
C ASP B 95 11.70 -12.27 -22.47
N ALA B 96 11.12 -13.38 -22.88
CA ALA B 96 9.84 -13.43 -23.60
C ALA B 96 8.68 -13.16 -22.66
N ASN B 97 8.80 -13.35 -21.34
CA ASN B 97 7.61 -13.22 -20.46
C ASN B 97 7.85 -12.30 -19.26
N ARG B 98 9.06 -11.76 -19.06
CA ARG B 98 9.37 -11.07 -17.78
C ARG B 98 8.53 -9.78 -17.67
N GLU B 99 8.12 -9.15 -18.77
CA GLU B 99 7.29 -7.91 -18.69
C GLU B 99 5.86 -8.28 -18.29
N ARG B 100 5.52 -9.56 -18.26
CA ARG B 100 4.14 -10.02 -17.95
C ARG B 100 4.06 -10.62 -16.55
N ILE B 101 5.14 -10.55 -15.79
CA ILE B 101 5.19 -11.17 -14.43
C ILE B 101 5.43 -10.05 -13.43
N GLY B 102 4.49 -9.84 -12.51
CA GLY B 102 4.69 -8.77 -11.50
C GLY B 102 4.54 -9.29 -10.10
N VAL B 103 4.52 -8.34 -9.16
N VAL B 103 4.46 -8.36 -9.15
CA VAL B 103 4.56 -8.63 -7.69
CA VAL B 103 4.50 -8.72 -7.71
C VAL B 103 3.67 -7.62 -6.96
C VAL B 103 3.76 -7.65 -6.90
N SER B 104 2.90 -8.12 -6.00
CA SER B 104 2.17 -7.27 -5.03
C SER B 104 2.23 -8.01 -3.70
N MET B 105 3.30 -7.77 -2.98
CA MET B 105 3.49 -8.27 -1.61
C MET B 105 3.40 -7.05 -0.67
N GLY B 106 2.55 -7.16 0.34
CA GLY B 106 2.30 -6.01 1.23
C GLY B 106 2.65 -6.31 2.68
N SER B 107 2.37 -5.34 3.51
CA SER B 107 2.57 -5.40 4.97
C SER B 107 1.62 -4.41 5.64
N GLY B 108 1.13 -4.76 6.83
CA GLY B 108 0.22 -3.88 7.57
C GLY B 108 0.98 -2.81 8.32
N ILE B 109 2.08 -3.18 8.95
CA ILE B 109 2.83 -2.26 9.85
C ILE B 109 4.25 -2.04 9.32
N GLY B 110 4.82 -3.00 8.59
CA GLY B 110 6.15 -2.82 7.97
C GLY B 110 7.27 -2.89 9.00
N GLY B 111 8.28 -2.03 8.84
CA GLY B 111 9.62 -2.24 9.41
C GLY B 111 9.78 -1.74 10.86
N LEU B 112 8.90 -2.13 11.78
CA LEU B 112 8.99 -1.69 13.21
C LEU B 112 10.29 -2.11 13.90
N THR B 113 10.80 -3.31 13.69
CA THR B 113 12.03 -3.81 14.35
C THR B 113 13.20 -2.93 13.93
N ASN B 114 13.32 -2.67 12.62
N ASN B 114 13.29 -2.62 12.64
CA ASN B 114 14.38 -1.80 12.06
CA ASN B 114 14.41 -1.81 12.12
C ASN B 114 14.24 -0.38 12.62
C ASN B 114 14.24 -0.35 12.55
N ILE B 115 13.01 0.15 12.65
CA ILE B 115 12.77 1.53 13.14
C ILE B 115 13.20 1.60 14.61
N GLU B 116 12.85 0.60 15.36
CA GLU B 116 13.19 0.49 16.80
C GLU B 116 14.71 0.51 16.97
N ASN B 117 15.41 -0.35 16.23
CA ASN B 117 16.88 -0.53 16.32
C ASN B 117 17.55 0.76 15.90
N ASN B 118 17.00 1.49 14.91
CA ASN B 118 17.61 2.75 14.41
C ASN B 118 17.28 3.92 15.34
N CYS B 119 16.12 3.92 16.00
CA CYS B 119 15.79 4.89 17.09
C CYS B 119 16.83 4.82 18.21
N ARG B 120 17.23 3.60 18.56
CA ARG B 120 18.29 3.34 19.56
C ARG B 120 19.55 4.12 19.13
N SER B 121 20.11 3.82 17.95
CA SER B 121 21.27 4.55 17.36
C SER B 121 21.06 6.07 17.49
N LEU B 122 19.93 6.57 16.96
CA LEU B 122 19.65 8.02 16.81
C LEU B 122 19.66 8.76 18.15
N PHE B 123 18.97 8.21 19.15
CA PHE B 123 18.76 8.86 20.47
C PHE B 123 20.07 8.87 21.24
N GLU B 124 20.83 7.77 21.14
CA GLU B 124 22.05 7.51 21.94
C GLU B 124 23.30 8.20 21.35
N GLN B 125 23.35 8.36 20.03
N GLN B 125 23.40 8.37 20.04
CA GLN B 125 24.59 8.74 19.28
CA GLN B 125 24.61 8.97 19.41
C GLN B 125 24.32 9.80 18.19
C GLN B 125 24.31 9.74 18.12
N GLY B 126 23.05 10.17 17.91
CA GLY B 126 22.72 11.11 16.82
C GLY B 126 22.58 10.41 15.47
N PRO B 127 22.24 11.18 14.40
CA PRO B 127 21.84 10.60 13.12
C PRO B 127 22.98 9.89 12.36
N ARG B 128 24.24 10.19 12.67
CA ARG B 128 25.36 9.75 11.80
C ARG B 128 25.57 8.24 11.99
N ARG B 129 24.90 7.61 12.95
CA ARG B 129 24.98 6.13 13.13
C ARG B 129 23.78 5.44 12.50
N ILE B 130 22.82 6.17 11.92
CA ILE B 130 21.70 5.50 11.18
C ILE B 130 22.27 4.74 9.97
N SER B 131 21.81 3.52 9.75
CA SER B 131 22.21 2.69 8.61
C SER B 131 21.91 3.37 7.27
N PRO B 132 22.84 3.38 6.31
CA PRO B 132 22.57 3.89 4.97
C PRO B 132 21.41 3.16 4.28
N PHE B 133 21.16 1.93 4.72
CA PHE B 133 20.11 1.04 4.15
C PHE B 133 18.82 1.17 4.96
N PHE B 134 18.77 2.07 5.94
CA PHE B 134 17.59 2.22 6.81
C PHE B 134 16.33 2.35 5.94
N VAL B 135 16.29 3.31 5.01
CA VAL B 135 15.02 3.58 4.30
C VAL B 135 14.68 2.41 3.38
N PRO B 136 15.52 2.01 2.41
CA PRO B 136 15.12 0.96 1.48
C PRO B 136 14.92 -0.39 2.19
N GLY B 137 15.64 -0.63 3.30
CA GLY B 137 15.54 -1.87 4.07
C GLY B 137 14.34 -1.88 5.01
N SER B 138 13.56 -0.80 5.08
CA SER B 138 12.45 -0.70 6.06
C SER B 138 11.09 -0.48 5.39
N ILE B 139 11.07 0.01 4.16
CA ILE B 139 9.79 0.44 3.51
C ILE B 139 9.08 -0.79 2.91
N ILE B 140 7.76 -0.72 2.92
CA ILE B 140 6.89 -1.90 2.69
C ILE B 140 7.03 -2.42 1.27
N ASN B 141 7.31 -1.55 0.32
CA ASN B 141 7.31 -2.00 -1.10
C ASN B 141 8.61 -2.74 -1.43
N MET B 142 9.52 -2.97 -0.46
CA MET B 142 10.82 -3.59 -0.81
C MET B 142 10.71 -5.10 -0.92
N VAL B 143 9.64 -5.74 -0.47
CA VAL B 143 9.49 -7.18 -0.82
C VAL B 143 9.26 -7.25 -2.34
N SER B 144 8.28 -6.50 -2.84
CA SER B 144 8.02 -6.44 -4.30
C SER B 144 9.31 -6.02 -5.00
N GLY B 145 9.97 -4.95 -4.52
CA GLY B 145 11.20 -4.40 -5.11
C GLY B 145 12.29 -5.46 -5.17
N PHE B 146 12.62 -6.10 -4.05
CA PHE B 146 13.79 -7.01 -4.01
C PHE B 146 13.44 -8.25 -4.84
N LEU B 147 12.19 -8.72 -4.76
CA LEU B 147 11.81 -9.92 -5.51
C LEU B 147 11.94 -9.63 -7.00
N SER B 148 11.42 -8.49 -7.47
N SER B 148 11.41 -8.49 -7.45
CA SER B 148 11.48 -8.10 -8.89
CA SER B 148 11.47 -8.02 -8.86
C SER B 148 12.95 -8.06 -9.33
C SER B 148 12.93 -8.02 -9.32
N ILE B 149 13.82 -7.46 -8.51
CA ILE B 149 15.26 -7.32 -8.89
C ILE B 149 15.87 -8.73 -8.95
N HIS B 150 15.62 -9.57 -7.96
CA HIS B 150 16.27 -10.91 -7.89
C HIS B 150 15.82 -11.80 -9.05
N LEU B 151 14.53 -11.81 -9.39
CA LEU B 151 13.99 -12.76 -10.41
C LEU B 151 13.89 -12.08 -11.77
N GLY B 152 14.12 -10.77 -11.89
CA GLY B 152 14.02 -10.07 -13.17
C GLY B 152 12.58 -9.85 -13.59
N LEU B 153 11.69 -9.56 -12.63
CA LEU B 153 10.26 -9.37 -12.93
C LEU B 153 10.00 -7.90 -13.31
N GLN B 154 9.44 -7.66 -14.49
CA GLN B 154 9.29 -6.27 -15.02
C GLN B 154 7.82 -5.91 -15.13
N GLY B 155 6.92 -6.80 -14.74
CA GLY B 155 5.47 -6.54 -14.68
C GLY B 155 5.09 -5.51 -13.61
N PRO B 156 3.77 -5.31 -13.39
CA PRO B 156 3.29 -4.38 -12.38
C PRO B 156 3.97 -4.71 -11.04
N ASN B 157 4.50 -3.68 -10.40
N ASN B 157 4.48 -3.66 -10.38
CA ASN B 157 5.29 -3.81 -9.15
CA ASN B 157 5.32 -3.76 -9.16
C ASN B 157 4.74 -2.82 -8.13
C ASN B 157 4.75 -2.80 -8.12
N TYR B 158 4.09 -3.32 -7.10
CA TYR B 158 3.45 -2.47 -6.09
C TYR B 158 3.28 -3.23 -4.80
N ALA B 159 2.77 -2.50 -3.82
CA ALA B 159 2.53 -3.02 -2.47
C ALA B 159 1.29 -2.35 -1.90
N LEU B 160 0.42 -3.16 -1.33
CA LEU B 160 -0.74 -2.68 -0.54
C LEU B 160 -0.31 -2.58 0.92
N THR B 161 -1.01 -1.72 1.65
CA THR B 161 -0.91 -1.67 3.13
C THR B 161 -2.31 -1.30 3.65
N THR B 162 -3.09 -2.32 3.97
CA THR B 162 -4.47 -2.16 4.50
C THR B 162 -4.54 -2.92 5.80
N ALA B 163 -3.59 -2.63 6.70
CA ALA B 163 -3.60 -3.18 8.06
C ALA B 163 -3.82 -4.69 7.98
N GLN B 164 -4.82 -5.21 8.69
CA GLN B 164 -5.08 -6.64 8.85
C GLN B 164 -5.75 -7.23 7.61
N THR B 165 -6.01 -6.41 6.59
CA THR B 165 -6.66 -6.84 5.33
C THR B 165 -5.63 -6.96 4.20
N THR B 166 -4.37 -6.60 4.47
CA THR B 166 -3.33 -6.45 3.44
C THR B 166 -3.23 -7.69 2.53
N GLY B 167 -3.04 -8.85 3.14
CA GLY B 167 -2.83 -10.07 2.35
C GLY B 167 -4.00 -10.38 1.42
N THR B 168 -5.21 -10.17 1.89
CA THR B 168 -6.44 -10.44 1.10
C THR B 168 -6.50 -9.47 -0.08
N HIS B 169 -6.31 -8.19 0.18
CA HIS B 169 -6.40 -7.14 -0.88
C HIS B 169 -5.27 -7.37 -1.88
N SER B 170 -4.11 -7.77 -1.39
CA SER B 170 -2.90 -7.91 -2.27
C SER B 170 -3.22 -9.00 -3.31
N ILE B 171 -3.73 -10.12 -2.84
CA ILE B 171 -4.09 -11.26 -3.72
C ILE B 171 -5.25 -10.87 -4.64
N GLY B 172 -6.29 -10.22 -4.14
CA GLY B 172 -7.43 -9.83 -4.96
C GLY B 172 -7.04 -8.89 -6.08
N MET B 173 -6.26 -7.86 -5.77
N MET B 173 -6.25 -7.87 -5.76
CA MET B 173 -5.90 -6.82 -6.78
CA MET B 173 -5.87 -6.83 -6.75
C MET B 173 -4.88 -7.39 -7.78
C MET B 173 -4.91 -7.44 -7.79
N ALA B 174 -4.08 -8.37 -7.37
CA ALA B 174 -3.14 -9.08 -8.28
C ALA B 174 -3.98 -9.94 -9.25
N ALA B 175 -5.05 -10.56 -8.75
CA ALA B 175 -5.98 -11.37 -9.59
C ALA B 175 -6.63 -10.46 -10.60
N ARG B 176 -7.03 -9.26 -10.19
CA ARG B 176 -7.57 -8.25 -11.15
C ARG B 176 -6.55 -7.92 -12.24
N ASN B 177 -5.27 -7.71 -11.90
CA ASN B 177 -4.23 -7.38 -12.89
C ASN B 177 -4.31 -8.46 -13.98
N ILE B 178 -4.38 -9.72 -13.58
CA ILE B 178 -4.32 -10.84 -14.56
C ILE B 178 -5.62 -10.91 -15.34
N ALA B 179 -6.73 -10.81 -14.65
CA ALA B 179 -8.08 -10.95 -15.25
C ALA B 179 -8.24 -9.93 -16.37
N TYR B 180 -7.77 -8.71 -16.16
CA TYR B 180 -8.00 -7.57 -17.07
C TYR B 180 -6.80 -7.41 -18.01
N GLY B 181 -5.85 -8.37 -18.01
CA GLY B 181 -4.79 -8.48 -19.02
C GLY B 181 -3.62 -7.54 -18.82
N GLU B 182 -3.38 -7.03 -17.59
CA GLU B 182 -2.23 -6.15 -17.28
C GLU B 182 -1.00 -6.99 -16.90
N ALA B 183 -1.20 -8.27 -16.60
CA ALA B 183 -0.13 -9.24 -16.35
C ALA B 183 -0.66 -10.64 -16.67
N ASP B 184 0.25 -11.60 -16.84
CA ASP B 184 -0.11 -13.03 -16.97
C ASP B 184 0.16 -13.76 -15.65
N VAL B 185 1.12 -13.27 -14.87
CA VAL B 185 1.52 -13.91 -13.58
C VAL B 185 1.71 -12.79 -12.57
N MET B 186 1.30 -13.02 -11.32
CA MET B 186 1.57 -12.12 -10.21
C MET B 186 1.99 -12.94 -8.99
N VAL B 187 3.00 -12.48 -8.27
CA VAL B 187 3.32 -13.02 -6.92
C VAL B 187 2.65 -12.11 -5.90
N ALA B 188 1.79 -12.62 -5.06
CA ALA B 188 0.91 -11.77 -4.24
C ALA B 188 0.75 -12.35 -2.85
N GLY B 189 0.60 -11.47 -1.88
CA GLY B 189 0.50 -11.90 -0.49
C GLY B 189 0.97 -10.83 0.44
N GLY B 190 1.51 -11.25 1.59
CA GLY B 190 1.92 -10.24 2.59
C GLY B 190 2.88 -10.83 3.58
N SER B 191 3.47 -9.97 4.39
CA SER B 191 4.40 -10.39 5.45
C SER B 191 4.32 -9.40 6.60
N GLU B 192 4.78 -9.84 7.76
CA GLU B 192 4.67 -9.03 8.98
C GLU B 192 5.62 -9.55 10.05
N MET B 193 6.28 -8.64 10.76
N MET B 193 6.30 -8.62 10.72
CA MET B 193 7.07 -8.94 11.97
CA MET B 193 7.13 -8.85 11.93
C MET B 193 6.97 -7.71 12.88
C MET B 193 6.96 -7.65 12.86
N ALA B 194 5.87 -7.62 13.62
CA ALA B 194 5.57 -6.50 14.54
C ALA B 194 5.83 -6.91 15.99
N ALA B 195 6.51 -8.04 16.26
CA ALA B 195 6.84 -8.46 17.66
C ALA B 195 8.06 -7.70 18.14
N CYS B 196 7.87 -6.44 18.45
CA CYS B 196 8.92 -5.59 19.06
C CYS B 196 8.21 -4.88 20.18
N GLY B 197 8.95 -4.10 20.95
CA GLY B 197 8.35 -3.30 22.02
C GLY B 197 7.21 -2.49 21.45
N LEU B 198 7.40 -1.88 20.28
CA LEU B 198 6.44 -0.96 19.66
C LEU B 198 5.16 -1.70 19.28
N GLY B 199 5.26 -2.89 18.68
CA GLY B 199 4.09 -3.71 18.29
C GLY B 199 3.35 -4.23 19.52
N LEU B 200 4.05 -4.95 20.40
CA LEU B 200 3.42 -5.49 21.64
C LEU B 200 3.01 -4.33 22.54
N GLY B 201 3.83 -3.28 22.64
CA GLY B 201 3.48 -2.06 23.42
C GLY B 201 2.30 -1.30 22.85
N GLY B 202 2.27 -1.15 21.51
CA GLY B 202 1.28 -0.35 20.78
C GLY B 202 -0.09 -0.98 20.87
N PHE B 203 -0.21 -2.25 20.51
CA PHE B 203 -1.46 -3.02 20.67
C PHE B 203 -1.85 -3.15 22.14
N GLY B 204 -0.87 -3.43 23.01
CA GLY B 204 -0.99 -3.50 24.46
C GLY B 204 -1.60 -2.23 25.04
N ALA B 205 -1.16 -1.05 24.60
CA ALA B 205 -1.67 0.25 25.11
C ALA B 205 -3.14 0.39 24.75
N ALA B 206 -3.57 -0.19 23.62
CA ALA B 206 -4.99 -0.15 23.19
C ALA B 206 -5.76 -1.30 23.86
N ARG B 207 -5.09 -2.10 24.70
CA ARG B 207 -5.70 -3.27 25.41
C ARG B 207 -6.43 -4.14 24.40
N ALA B 208 -5.79 -4.33 23.24
CA ALA B 208 -6.30 -5.12 22.10
C ALA B 208 -5.89 -6.59 22.21
N LEU B 209 -4.79 -6.88 22.90
CA LEU B 209 -4.20 -8.24 22.97
C LEU B 209 -4.82 -9.06 24.11
N SER B 210 -4.94 -10.36 23.91
CA SER B 210 -5.06 -11.37 24.99
C SER B 210 -3.88 -11.20 25.95
N THR B 211 -4.18 -11.23 27.26
CA THR B 211 -3.16 -11.20 28.35
C THR B 211 -3.16 -12.55 29.07
N ARG B 212 -3.57 -13.63 28.41
CA ARG B 212 -3.55 -15.00 28.97
C ARG B 212 -2.12 -15.58 29.00
N ASN B 213 -1.22 -14.95 29.75
CA ASN B 213 0.24 -15.29 29.79
C ASN B 213 0.45 -16.70 30.35
N ASP B 214 -0.45 -17.18 31.22
CA ASP B 214 -0.28 -18.47 31.94
C ASP B 214 -0.51 -19.62 30.95
N GLU B 215 -1.29 -19.41 29.89
CA GLU B 215 -1.67 -20.49 28.94
C GLU B 215 -1.70 -19.92 27.52
N PRO B 216 -0.52 -19.57 26.95
CA PRO B 216 -0.47 -18.91 25.65
C PRO B 216 -1.19 -19.66 24.52
N THR B 217 -1.18 -20.99 24.56
CA THR B 217 -1.77 -21.83 23.49
C THR B 217 -3.30 -21.83 23.55
N ARG B 218 -3.89 -21.37 24.67
CA ARG B 218 -5.36 -21.27 24.84
C ARG B 218 -5.81 -19.81 24.65
N ALA B 219 -4.88 -18.89 24.40
CA ALA B 219 -5.16 -17.44 24.36
C ALA B 219 -6.08 -17.11 23.18
N SER B 220 -5.74 -17.61 21.99
CA SER B 220 -6.51 -17.42 20.72
C SER B 220 -7.69 -18.42 20.68
N ARG B 221 -8.88 -17.89 20.94
CA ARG B 221 -10.10 -18.73 21.14
C ARG B 221 -11.28 -18.03 20.50
N PRO B 222 -11.30 -17.91 19.15
CA PRO B 222 -12.36 -17.18 18.45
C PRO B 222 -13.75 -17.76 18.77
N TRP B 223 -14.71 -16.88 19.05
CA TRP B 223 -16.13 -17.20 19.35
C TRP B 223 -16.31 -17.86 20.72
N ASP B 224 -15.24 -18.09 21.49
CA ASP B 224 -15.32 -18.67 22.86
C ASP B 224 -15.69 -17.57 23.86
N ARG B 225 -16.53 -17.87 24.85
CA ARG B 225 -17.06 -16.77 25.71
C ARG B 225 -15.95 -16.17 26.57
N ASP B 226 -14.82 -16.87 26.74
CA ASP B 226 -13.68 -16.45 27.58
C ASP B 226 -12.57 -15.76 26.75
N ARG B 227 -12.80 -15.46 25.48
CA ARG B 227 -11.79 -14.74 24.65
C ARG B 227 -11.54 -13.34 25.19
N ASP B 228 -10.34 -12.80 24.99
CA ASP B 228 -9.96 -11.48 25.58
C ASP B 228 -9.00 -10.73 24.66
N GLY B 229 -9.12 -10.91 23.34
CA GLY B 229 -8.36 -10.13 22.36
C GLY B 229 -7.44 -10.99 21.52
N PHE B 230 -6.81 -10.41 20.51
CA PHE B 230 -6.06 -11.22 19.52
C PHE B 230 -4.65 -11.50 20.04
N VAL B 231 -4.03 -12.42 19.34
CA VAL B 231 -2.64 -12.90 19.63
C VAL B 231 -1.79 -12.44 18.45
N LEU B 232 -0.72 -11.70 18.74
CA LEU B 232 0.16 -11.12 17.71
C LEU B 232 1.06 -12.22 17.14
N SER B 233 1.14 -12.32 15.82
CA SER B 233 1.92 -13.38 15.15
C SER B 233 2.67 -12.83 13.93
N ASP B 234 3.76 -13.53 13.58
CA ASP B 234 4.74 -13.14 12.55
C ASP B 234 4.70 -14.15 11.40
N GLY B 235 5.01 -13.68 10.21
CA GLY B 235 5.23 -14.61 9.10
C GLY B 235 4.89 -14.00 7.76
N SER B 236 4.56 -14.83 6.82
CA SER B 236 4.36 -14.40 5.43
C SER B 236 3.59 -15.45 4.65
N GLY B 237 2.88 -15.00 3.63
CA GLY B 237 2.28 -15.92 2.65
C GLY B 237 2.41 -15.32 1.28
N ALA B 238 2.68 -16.17 0.30
CA ALA B 238 2.77 -15.73 -1.09
C ALA B 238 2.14 -16.77 -1.98
N LEU B 239 1.42 -16.26 -2.97
CA LEU B 239 0.80 -17.15 -3.96
C LEU B 239 1.30 -16.71 -5.31
N VAL B 240 1.48 -17.70 -6.18
CA VAL B 240 1.65 -17.40 -7.63
C VAL B 240 0.28 -17.50 -8.31
N LEU B 241 -0.23 -16.36 -8.73
CA LEU B 241 -1.49 -16.26 -9.48
C LEU B 241 -1.10 -16.28 -10.94
N GLU B 242 -1.92 -16.94 -11.77
CA GLU B 242 -1.53 -17.17 -13.17
C GLU B 242 -2.80 -17.23 -14.00
N GLU B 243 -2.77 -16.57 -15.16
CA GLU B 243 -3.85 -16.71 -16.16
C GLU B 243 -3.98 -18.20 -16.57
N LEU B 244 -5.20 -18.69 -16.70
CA LEU B 244 -5.46 -20.14 -16.86
C LEU B 244 -4.79 -20.68 -18.12
N GLU B 245 -5.00 -20.05 -19.26
CA GLU B 245 -4.42 -20.58 -20.53
C GLU B 245 -2.89 -20.57 -20.40
N HIS B 246 -2.30 -19.57 -19.75
CA HIS B 246 -0.84 -19.51 -19.52
C HIS B 246 -0.41 -20.73 -18.67
N ALA B 247 -1.18 -21.06 -17.63
CA ALA B 247 -0.86 -22.18 -16.72
C ALA B 247 -0.99 -23.50 -17.52
N ARG B 248 -2.05 -23.68 -18.31
CA ARG B 248 -2.26 -24.94 -19.08
C ARG B 248 -1.19 -25.12 -20.15
N ALA B 249 -0.78 -24.05 -20.84
CA ALA B 249 0.22 -24.12 -21.92
C ALA B 249 1.55 -24.70 -21.41
N ARG B 250 1.95 -24.42 -20.17
CA ARG B 250 3.25 -24.93 -19.65
C ARG B 250 3.06 -26.19 -18.79
N GLY B 251 1.85 -26.72 -18.63
CA GLY B 251 1.54 -27.91 -17.82
C GLY B 251 1.71 -27.65 -16.33
N ALA B 252 1.32 -26.45 -15.89
CA ALA B 252 1.38 -26.09 -14.46
C ALA B 252 0.48 -27.01 -13.63
N ARG B 253 0.90 -27.29 -12.40
CA ARG B 253 0.01 -27.90 -11.41
C ARG B 253 -0.86 -26.75 -10.91
N ILE B 254 -2.16 -26.91 -10.96
CA ILE B 254 -3.13 -25.87 -10.53
C ILE B 254 -3.78 -26.30 -9.23
N TYR B 255 -3.65 -25.50 -8.16
CA TYR B 255 -4.24 -25.89 -6.87
C TYR B 255 -5.75 -25.63 -6.83
N ALA B 256 -6.19 -24.51 -7.38
CA ALA B 256 -7.54 -23.95 -7.21
C ALA B 256 -7.67 -22.77 -8.14
N GLU B 257 -8.89 -22.34 -8.37
CA GLU B 257 -9.19 -21.16 -9.18
C GLU B 257 -9.65 -20.04 -8.24
N LEU B 258 -9.14 -18.83 -8.47
CA LEU B 258 -9.62 -17.64 -7.74
C LEU B 258 -10.73 -17.01 -8.59
N VAL B 259 -11.98 -17.11 -8.13
CA VAL B 259 -13.18 -16.74 -8.95
C VAL B 259 -13.82 -15.43 -8.48
N GLY B 260 -13.54 -14.98 -7.24
CA GLY B 260 -14.20 -13.77 -6.70
C GLY B 260 -13.28 -12.96 -5.78
N PHE B 261 -13.47 -11.65 -5.81
CA PHE B 261 -12.80 -10.67 -4.94
C PHE B 261 -13.81 -9.59 -4.63
N GLY B 262 -13.98 -9.36 -3.34
CA GLY B 262 -14.81 -8.29 -2.81
C GLY B 262 -14.02 -7.40 -1.89
N MET B 263 -14.43 -6.13 -1.89
CA MET B 263 -13.88 -5.06 -1.05
C MET B 263 -15.07 -4.27 -0.55
N SER B 264 -14.97 -3.74 0.65
CA SER B 264 -15.91 -2.73 1.13
C SER B 264 -15.23 -1.92 2.22
N GLY B 265 -15.83 -0.78 2.52
CA GLY B 265 -15.51 -0.01 3.73
C GLY B 265 -16.70 0.00 4.68
N ASP B 266 -16.47 -0.24 5.95
CA ASP B 266 -17.53 -0.13 6.99
C ASP B 266 -17.95 1.34 7.13
N ALA B 267 -16.99 2.26 7.00
CA ALA B 267 -17.19 3.70 7.33
C ALA B 267 -17.83 3.82 8.73
N PHE B 268 -17.37 3.04 9.70
CA PHE B 268 -17.95 2.97 11.06
C PHE B 268 -16.96 3.50 12.11
N HIS B 269 -15.84 2.81 12.35
CA HIS B 269 -14.93 3.15 13.47
C HIS B 269 -13.48 2.83 13.10
N MET B 270 -12.51 3.44 13.78
CA MET B 270 -11.09 3.32 13.40
C MET B 270 -10.57 1.91 13.65
N THR B 271 -11.08 1.20 14.66
CA THR B 271 -10.56 -0.13 15.06
C THR B 271 -11.66 -1.18 15.26
N ALA B 272 -12.88 -0.80 15.62
CA ALA B 272 -14.00 -1.71 15.99
C ALA B 272 -14.90 -1.90 14.77
N PRO B 273 -15.39 -3.12 14.49
CA PRO B 273 -16.40 -3.30 13.44
C PRO B 273 -17.78 -2.96 13.98
N PRO B 274 -18.76 -2.67 13.11
CA PRO B 274 -20.15 -2.54 13.55
C PRO B 274 -20.64 -3.89 14.10
N GLU B 275 -21.53 -3.84 15.09
CA GLU B 275 -21.97 -5.03 15.85
C GLU B 275 -22.55 -6.07 14.90
N ASP B 276 -23.26 -5.62 13.87
CA ASP B 276 -24.02 -6.46 12.91
C ASP B 276 -23.12 -6.88 11.73
N GLY B 277 -21.86 -6.44 11.66
CA GLY B 277 -20.98 -6.84 10.55
C GLY B 277 -21.51 -6.38 9.20
N ALA B 278 -22.18 -5.22 9.13
CA ALA B 278 -22.81 -4.76 7.89
C ALA B 278 -21.78 -4.66 6.74
N GLY B 279 -20.60 -4.12 7.01
CA GLY B 279 -19.60 -3.94 5.93
C GLY B 279 -19.04 -5.29 5.49
N ALA B 280 -18.78 -6.21 6.42
CA ALA B 280 -18.30 -7.58 6.14
C ALA B 280 -19.35 -8.33 5.29
N ALA B 281 -20.63 -8.11 5.58
CA ALA B 281 -21.73 -8.68 4.78
C ALA B 281 -21.72 -8.10 3.35
N ARG B 282 -21.57 -6.78 3.15
CA ARG B 282 -21.52 -6.19 1.80
C ARG B 282 -20.31 -6.75 1.04
N CYS B 283 -19.20 -6.88 1.74
CA CYS B 283 -17.94 -7.34 1.13
C CYS B 283 -18.12 -8.77 0.62
N MET B 284 -18.66 -9.66 1.46
CA MET B 284 -18.90 -11.06 1.03
C MET B 284 -19.88 -11.08 -0.15
N LYS B 285 -20.97 -10.32 -0.11
CA LYS B 285 -21.96 -10.25 -1.22
C LYS B 285 -21.26 -9.74 -2.48
N ASN B 286 -20.39 -8.73 -2.35
CA ASN B 286 -19.62 -8.23 -3.50
C ASN B 286 -18.76 -9.35 -4.09
N ALA B 287 -18.08 -10.12 -3.24
CA ALA B 287 -17.17 -11.19 -3.69
C ALA B 287 -17.98 -12.28 -4.44
N LEU B 288 -19.14 -12.63 -3.89
CA LEU B 288 -19.99 -13.68 -4.49
C LEU B 288 -20.54 -13.16 -5.80
N ARG B 289 -20.99 -11.90 -5.89
CA ARG B 289 -21.47 -11.31 -7.15
C ARG B 289 -20.33 -11.33 -8.17
N ASP B 290 -19.12 -10.97 -7.74
CA ASP B 290 -17.94 -10.98 -8.62
C ASP B 290 -17.72 -12.39 -9.19
N ALA B 291 -17.98 -13.43 -8.42
CA ALA B 291 -17.74 -14.84 -8.81
C ALA B 291 -18.95 -15.41 -9.59
N GLY B 292 -20.04 -14.66 -9.70
CA GLY B 292 -21.33 -15.16 -10.26
C GLY B 292 -21.88 -16.35 -9.48
N LEU B 293 -21.66 -16.36 -8.17
CA LEU B 293 -22.08 -17.46 -7.27
C LEU B 293 -23.19 -16.99 -6.34
N ASP B 294 -24.14 -17.90 -6.09
N ASP B 294 -24.17 -17.88 -6.10
CA ASP B 294 -25.21 -17.75 -5.07
CA ASP B 294 -25.21 -17.68 -5.06
C ASP B 294 -24.59 -18.04 -3.71
C ASP B 294 -24.58 -18.02 -3.71
N PRO B 295 -24.94 -17.31 -2.62
CA PRO B 295 -24.45 -17.65 -1.29
C PRO B 295 -24.58 -19.14 -0.97
N ARG B 296 -25.62 -19.79 -1.51
CA ARG B 296 -25.87 -21.22 -1.25
C ARG B 296 -24.74 -22.13 -1.73
N GLN B 297 -23.90 -21.67 -2.66
CA GLN B 297 -22.81 -22.50 -3.23
C GLN B 297 -21.57 -22.49 -2.32
N VAL B 298 -21.51 -21.65 -1.29
CA VAL B 298 -20.32 -21.60 -0.39
C VAL B 298 -20.33 -22.81 0.54
N ASP B 299 -19.20 -23.49 0.62
CA ASP B 299 -19.06 -24.67 1.49
C ASP B 299 -18.21 -24.34 2.71
N TYR B 300 -17.17 -23.51 2.55
CA TYR B 300 -16.17 -23.31 3.61
C TYR B 300 -15.80 -21.81 3.68
N ILE B 301 -15.77 -21.28 4.88
CA ILE B 301 -15.27 -19.92 5.14
C ILE B 301 -14.11 -19.97 6.12
N ASN B 302 -12.98 -19.44 5.67
CA ASN B 302 -11.88 -19.12 6.58
C ASN B 302 -12.14 -17.71 7.09
N ALA B 303 -12.62 -17.63 8.32
CA ALA B 303 -13.05 -16.39 9.00
C ALA B 303 -11.84 -15.49 9.21
N HIS B 304 -12.08 -14.22 9.44
CA HIS B 304 -11.07 -13.33 10.04
C HIS B 304 -10.81 -13.84 11.46
N GLY B 305 -11.87 -14.03 12.27
CA GLY B 305 -11.83 -14.77 13.54
C GLY B 305 -10.64 -14.42 14.43
N THR B 306 -10.51 -13.16 14.84
CA THR B 306 -9.31 -12.62 15.54
C THR B 306 -9.30 -12.98 17.03
N SER B 307 -10.41 -13.45 17.63
CA SER B 307 -10.55 -13.66 19.11
C SER B 307 -10.77 -12.33 19.85
N THR B 308 -11.22 -11.29 19.18
CA THR B 308 -11.71 -10.04 19.82
C THR B 308 -13.20 -10.20 20.10
N PRO B 309 -13.68 -9.73 21.26
CA PRO B 309 -15.12 -9.84 21.55
C PRO B 309 -16.01 -9.34 20.39
N ALA B 310 -15.85 -8.10 19.98
CA ALA B 310 -16.75 -7.45 18.98
C ALA B 310 -16.49 -8.03 17.57
N GLY B 311 -15.24 -8.23 17.16
CA GLY B 311 -14.93 -8.74 15.82
C GLY B 311 -15.62 -10.08 15.54
N ASP B 312 -15.46 -11.04 16.43
CA ASP B 312 -15.92 -12.44 16.25
C ASP B 312 -17.45 -12.43 16.09
N ILE B 313 -18.15 -11.61 16.88
CA ILE B 313 -19.63 -11.62 16.91
C ILE B 313 -20.16 -10.93 15.64
N ALA B 314 -19.51 -9.86 15.17
CA ALA B 314 -19.86 -9.19 13.89
C ALA B 314 -19.78 -10.17 12.71
N GLU B 315 -18.77 -11.05 12.70
N GLU B 315 -18.78 -11.06 12.72
CA GLU B 315 -18.59 -12.02 11.59
CA GLU B 315 -18.56 -12.01 11.61
C GLU B 315 -19.75 -13.02 11.60
C GLU B 315 -19.69 -13.04 11.59
N ILE B 316 -20.14 -13.49 12.77
CA ILE B 316 -21.33 -14.40 12.88
C ILE B 316 -22.51 -13.62 12.31
N ALA B 317 -22.78 -12.41 12.75
CA ALA B 317 -23.93 -11.63 12.24
C ALA B 317 -23.85 -11.51 10.73
N ALA B 318 -22.66 -11.13 10.21
CA ALA B 318 -22.48 -10.96 8.76
C ALA B 318 -22.77 -12.26 7.97
N VAL B 319 -22.29 -13.42 8.43
CA VAL B 319 -22.51 -14.73 7.75
C VAL B 319 -24.01 -15.09 7.79
N LYS B 320 -24.69 -14.90 8.92
CA LYS B 320 -26.14 -15.19 9.03
C LYS B 320 -26.90 -14.29 8.05
N SER B 321 -26.52 -13.02 7.96
CA SER B 321 -27.13 -12.04 7.03
C SER B 321 -26.93 -12.46 5.57
N VAL B 322 -25.70 -12.83 5.19
CA VAL B 322 -25.41 -13.14 3.76
C VAL B 322 -26.06 -14.48 3.38
N PHE B 323 -25.97 -15.48 4.24
CA PHE B 323 -26.20 -16.88 3.84
C PHE B 323 -27.58 -17.39 4.25
N GLY B 324 -28.29 -16.69 5.13
CA GLY B 324 -29.68 -17.06 5.49
C GLY B 324 -29.81 -18.54 5.88
N GLU B 325 -30.65 -19.30 5.20
CA GLU B 325 -30.96 -20.72 5.55
C GLU B 325 -29.78 -21.64 5.15
N HIS B 326 -28.71 -21.12 4.54
CA HIS B 326 -27.47 -21.90 4.26
C HIS B 326 -26.37 -21.64 5.31
N ALA B 327 -26.54 -20.67 6.19
CA ALA B 327 -25.49 -20.24 7.16
C ALA B 327 -24.99 -21.38 8.05
N HIS B 328 -25.82 -22.37 8.38
CA HIS B 328 -25.45 -23.54 9.23
C HIS B 328 -24.86 -24.69 8.42
N ALA B 329 -25.07 -24.70 7.11
CA ALA B 329 -24.67 -25.81 6.21
C ALA B 329 -23.18 -25.68 5.90
N LEU B 330 -22.75 -24.46 5.59
CA LEU B 330 -21.31 -24.20 5.40
C LEU B 330 -20.60 -24.47 6.73
N SER B 331 -19.28 -24.62 6.62
CA SER B 331 -18.36 -24.69 7.77
C SER B 331 -17.57 -23.40 7.78
N MET B 332 -17.39 -22.81 8.95
CA MET B 332 -16.55 -21.60 9.10
C MET B 332 -15.58 -21.82 10.24
N SER B 333 -14.29 -21.62 10.01
CA SER B 333 -13.30 -21.80 11.09
C SER B 333 -12.30 -20.64 11.06
N SER B 334 -11.76 -20.33 12.23
CA SER B 334 -10.64 -19.39 12.38
C SER B 334 -9.36 -20.17 12.62
N THR B 335 -8.49 -20.20 11.62
CA THR B 335 -7.14 -20.78 11.78
C THR B 335 -6.30 -19.89 12.70
N LYS B 336 -6.72 -18.65 13.00
CA LYS B 336 -6.01 -17.80 14.01
C LYS B 336 -6.06 -18.46 15.39
N SER B 337 -6.99 -19.38 15.62
CA SER B 337 -7.05 -20.19 16.86
C SER B 337 -5.69 -20.90 17.08
N MET B 338 -4.98 -21.20 16.00
CA MET B 338 -3.69 -21.93 16.02
C MET B 338 -2.54 -20.96 15.69
N THR B 339 -2.69 -20.14 14.65
CA THR B 339 -1.55 -19.33 14.13
C THR B 339 -1.41 -18.02 14.90
N GLY B 340 -2.46 -17.59 15.60
CA GLY B 340 -2.58 -16.18 15.98
C GLY B 340 -2.77 -15.32 14.74
N HIS B 341 -2.70 -14.02 14.95
CA HIS B 341 -3.07 -12.98 13.99
C HIS B 341 -1.79 -12.43 13.33
N LEU B 342 -1.56 -12.78 12.08
CA LEU B 342 -0.33 -12.32 11.34
C LEU B 342 -0.54 -10.93 10.70
N LEU B 343 -1.62 -10.23 11.07
CA LEU B 343 -1.87 -8.83 10.67
C LEU B 343 -1.87 -8.77 9.14
N GLY B 344 -0.93 -8.05 8.51
CA GLY B 344 -0.89 -7.93 7.05
C GLY B 344 -0.69 -9.26 6.35
N ALA B 345 -0.11 -10.26 6.99
CA ALA B 345 0.13 -11.57 6.37
C ALA B 345 -1.03 -12.52 6.67
N ALA B 346 -1.98 -12.14 7.54
CA ALA B 346 -3.11 -13.03 7.91
C ALA B 346 -3.85 -13.50 6.66
N GLY B 347 -4.25 -12.57 5.79
CA GLY B 347 -5.02 -12.87 4.59
C GLY B 347 -4.24 -13.75 3.63
N ALA B 348 -2.93 -13.59 3.59
CA ALA B 348 -2.08 -14.37 2.67
C ALA B 348 -2.03 -15.83 3.15
N VAL B 349 -1.70 -16.06 4.42
CA VAL B 349 -1.58 -17.47 4.90
C VAL B 349 -3.00 -18.09 4.94
N GLU B 350 -4.05 -17.30 5.12
CA GLU B 350 -5.42 -17.84 5.22
C GLU B 350 -5.95 -18.17 3.82
N ALA B 351 -5.54 -17.43 2.78
CA ALA B 351 -5.87 -17.79 1.39
C ALA B 351 -5.23 -19.15 1.09
N ILE B 352 -3.99 -19.35 1.51
CA ILE B 352 -3.29 -20.65 1.29
C ILE B 352 -4.06 -21.76 2.00
N PHE B 353 -4.44 -21.55 3.26
CA PHE B 353 -5.22 -22.57 4.00
C PHE B 353 -6.55 -22.86 3.32
N SER B 354 -7.20 -21.83 2.75
CA SER B 354 -8.47 -21.96 2.00
C SER B 354 -8.25 -22.79 0.74
N VAL B 355 -7.16 -22.55 0.03
CA VAL B 355 -6.81 -23.36 -1.17
C VAL B 355 -6.58 -24.81 -0.75
N LEU B 356 -5.90 -25.05 0.36
CA LEU B 356 -5.59 -26.43 0.79
C LEU B 356 -6.85 -27.12 1.32
N ALA B 357 -7.79 -26.38 1.90
CA ALA B 357 -9.10 -26.93 2.29
C ALA B 357 -9.74 -27.52 1.04
N LEU B 358 -9.63 -26.86 -0.10
CA LEU B 358 -10.22 -27.32 -1.37
C LEU B 358 -9.46 -28.57 -1.83
N ARG B 359 -8.15 -28.53 -1.81
CA ARG B 359 -7.31 -29.65 -2.29
C ARG B 359 -7.65 -30.90 -1.48
N ASP B 360 -7.72 -30.78 -0.15
CA ASP B 360 -7.74 -31.94 0.77
C ASP B 360 -9.17 -32.24 1.25
N GLN B 361 -10.14 -31.42 0.84
CA GLN B 361 -11.58 -31.61 1.19
C GLN B 361 -11.68 -31.72 2.71
N VAL B 362 -11.19 -30.70 3.42
CA VAL B 362 -11.23 -30.73 4.90
C VAL B 362 -11.31 -29.29 5.39
N ALA B 363 -12.23 -29.04 6.32
CA ALA B 363 -12.31 -27.78 7.05
C ALA B 363 -11.37 -27.84 8.25
N PRO B 364 -10.35 -26.96 8.30
CA PRO B 364 -9.53 -26.80 9.48
C PRO B 364 -10.33 -26.45 10.72
N PRO B 365 -9.85 -26.82 11.92
CA PRO B 365 -10.59 -26.52 13.15
C PRO B 365 -10.47 -25.08 13.65
N THR B 366 -11.45 -24.68 14.45
CA THR B 366 -11.26 -23.57 15.42
C THR B 366 -10.89 -24.23 16.73
N ILE B 367 -9.61 -24.29 17.07
CA ILE B 367 -9.25 -24.84 18.42
C ILE B 367 -9.69 -23.85 19.53
N ASN B 368 -9.77 -24.37 20.76
CA ASN B 368 -10.04 -23.58 21.98
C ASN B 368 -11.51 -23.16 22.03
N LEU B 369 -12.38 -23.62 21.13
CA LEU B 369 -13.81 -23.22 21.11
C LEU B 369 -14.57 -24.11 22.10
N ASP B 370 -14.27 -23.90 23.37
CA ASP B 370 -14.71 -24.76 24.51
C ASP B 370 -16.17 -24.43 24.82
N ASN B 371 -16.51 -23.15 24.81
CA ASN B 371 -17.86 -22.63 25.18
C ASN B 371 -18.24 -21.53 24.21
N PRO B 372 -18.83 -21.89 23.04
CA PRO B 372 -19.33 -20.90 22.12
C PRO B 372 -20.13 -19.83 22.85
N ASP B 373 -19.94 -18.58 22.45
CA ASP B 373 -20.63 -17.42 23.05
C ASP B 373 -22.07 -17.39 22.53
N GLU B 374 -22.90 -16.57 23.17
CA GLU B 374 -24.26 -16.16 22.76
C GLU B 374 -24.31 -15.91 21.24
N GLY B 375 -25.12 -16.68 20.52
CA GLY B 375 -25.35 -16.46 19.08
C GLY B 375 -24.32 -17.16 18.21
N CYS B 376 -23.27 -17.75 18.78
CA CYS B 376 -22.15 -18.36 18.01
C CYS B 376 -22.51 -19.83 17.76
N ASP B 377 -23.64 -20.08 17.10
CA ASP B 377 -24.22 -21.46 16.99
C ASP B 377 -24.06 -21.99 15.56
N LEU B 378 -23.15 -21.42 14.76
CA LEU B 378 -22.83 -21.91 13.39
C LEU B 378 -21.95 -23.18 13.50
N ASP B 379 -21.66 -23.81 12.38
CA ASP B 379 -20.68 -24.91 12.33
C ASP B 379 -19.30 -24.24 12.27
N LEU B 380 -18.65 -24.08 13.43
CA LEU B 380 -17.39 -23.32 13.58
C LEU B 380 -16.24 -24.33 13.69
N VAL B 381 -16.52 -25.58 13.37
CA VAL B 381 -15.52 -26.69 13.34
C VAL B 381 -14.74 -26.70 14.65
N ALA B 382 -15.42 -26.71 15.80
CA ALA B 382 -14.73 -26.68 17.11
C ALA B 382 -13.80 -27.88 17.21
N HIS B 383 -12.56 -27.61 17.66
CA HIS B 383 -11.58 -28.55 18.25
C HIS B 383 -10.81 -29.35 17.19
N GLU B 384 -11.48 -29.95 16.21
CA GLU B 384 -10.88 -30.96 15.29
C GLU B 384 -11.27 -30.70 13.84
N ALA B 385 -10.36 -30.96 12.92
CA ALA B 385 -10.57 -30.85 11.47
C ALA B 385 -11.77 -31.71 11.06
N LYS B 386 -12.49 -31.30 10.03
CA LYS B 386 -13.75 -31.91 9.55
C LYS B 386 -13.63 -32.14 8.05
N PRO B 387 -13.32 -33.39 7.62
CA PRO B 387 -13.47 -33.79 6.23
C PRO B 387 -14.90 -33.52 5.81
N ARG B 388 -15.08 -32.97 4.63
CA ARG B 388 -16.40 -32.63 4.08
C ARG B 388 -16.21 -32.25 2.62
N LYS B 389 -17.31 -32.11 1.90
CA LYS B 389 -17.31 -31.59 0.52
C LYS B 389 -17.05 -30.09 0.53
N ILE B 390 -16.04 -29.63 -0.21
CA ILE B 390 -15.75 -28.19 -0.37
C ILE B 390 -15.52 -27.94 -1.84
N ASP B 391 -16.47 -27.31 -2.49
CA ASP B 391 -16.31 -26.84 -3.87
C ASP B 391 -15.88 -25.37 -3.88
N VAL B 392 -16.46 -24.58 -2.97
CA VAL B 392 -16.26 -23.10 -2.91
C VAL B 392 -15.83 -22.73 -1.49
N ALA B 393 -14.71 -21.99 -1.36
CA ALA B 393 -14.12 -21.57 -0.08
C ALA B 393 -13.93 -20.05 -0.14
N LEU B 394 -14.37 -19.34 0.89
CA LEU B 394 -14.21 -17.87 1.03
C LEU B 394 -13.11 -17.67 2.06
N SER B 395 -12.33 -16.62 1.91
CA SER B 395 -11.40 -16.16 2.96
C SER B 395 -11.67 -14.69 3.24
N ASN B 396 -11.94 -14.36 4.50
CA ASN B 396 -12.34 -12.99 4.92
C ASN B 396 -11.24 -12.31 5.73
N SER B 397 -11.08 -11.01 5.52
CA SER B 397 -10.23 -10.12 6.34
C SER B 397 -10.97 -8.80 6.57
N PHE B 398 -11.06 -8.39 7.84
CA PHE B 398 -11.74 -7.14 8.27
C PHE B 398 -10.83 -6.41 9.25
N GLY B 399 -10.21 -5.30 8.82
CA GLY B 399 -9.10 -4.58 9.48
C GLY B 399 -9.43 -3.16 9.91
N PHE B 400 -8.44 -2.57 10.56
CA PHE B 400 -8.49 -1.18 11.05
C PHE B 400 -8.86 -0.26 9.89
N GLY B 401 -9.62 0.78 10.21
CA GLY B 401 -10.20 1.70 9.24
C GLY B 401 -11.47 1.16 8.62
N GLY B 402 -11.94 0.00 9.08
CA GLY B 402 -13.16 -0.65 8.55
C GLY B 402 -12.97 -1.14 7.14
N THR B 403 -11.75 -1.55 6.81
CA THR B 403 -11.42 -2.00 5.42
C THR B 403 -11.61 -3.52 5.36
N ASN B 404 -12.40 -3.99 4.39
CA ASN B 404 -12.81 -5.40 4.31
C ASN B 404 -12.33 -5.95 2.99
N GLY B 405 -11.95 -7.21 3.01
CA GLY B 405 -11.68 -7.99 1.80
C GLY B 405 -12.22 -9.40 1.92
N THR B 406 -12.68 -9.93 0.80
CA THR B 406 -13.09 -11.34 0.69
C THR B 406 -12.58 -11.93 -0.62
N LEU B 407 -11.95 -13.10 -0.52
CA LEU B 407 -11.52 -13.89 -1.69
C LEU B 407 -12.44 -15.10 -1.80
N VAL B 408 -12.80 -15.45 -3.03
CA VAL B 408 -13.59 -16.68 -3.35
C VAL B 408 -12.71 -17.58 -4.21
N PHE B 409 -12.45 -18.77 -3.71
CA PHE B 409 -11.70 -19.84 -4.41
C PHE B 409 -12.68 -20.98 -4.72
N ARG B 410 -12.43 -21.65 -5.83
CA ARG B 410 -13.25 -22.80 -6.26
C ARG B 410 -12.32 -23.94 -6.66
N ARG B 411 -12.72 -25.19 -6.42
CA ARG B 411 -12.02 -26.37 -6.96
C ARG B 411 -11.85 -26.22 -8.47
N PHE B 412 -10.69 -26.57 -8.99
CA PHE B 412 -10.39 -26.57 -10.45
C PHE B 412 -10.20 -28.02 -10.94
N ALA B 413 -10.93 -28.43 -11.98
CA ALA B 413 -10.80 -29.73 -12.68
C ALA B 413 -11.04 -29.54 -14.18
N1 Q40 C . -8.98 25.84 4.07
C4 Q40 C . -9.94 24.75 4.48
C5 Q40 C . -11.04 24.52 3.49
C6 Q40 C . -11.76 23.20 3.76
C7 Q40 C . -12.08 22.36 2.67
C8 Q40 C . -12.89 21.25 2.84
C10 Q40 C . -13.06 21.74 5.20
C13 Q40 C . -6.82 26.36 3.14
N Q40 C . -5.51 29.11 1.96
C Q40 C . -6.08 28.67 3.10
O Q40 C . -5.61 28.96 4.19
C1 Q40 C . -7.28 27.80 2.94
C11 Q40 C . -12.25 22.86 5.02
C12 Q40 C . -8.02 25.43 2.98
C2 Q40 C . -8.37 28.16 3.94
C3 Q40 C . -9.56 27.18 3.72
C9 Q40 C . -13.40 20.93 4.10
S DMS D . -8.50 4.51 -16.87
O DMS D . -8.31 3.03 -16.61
C1 DMS D . -7.08 4.99 -17.85
C2 DMS D . -9.68 4.67 -18.19
S DMS E . 8.97 10.13 -32.97
O DMS E . 8.91 11.65 -33.27
C1 DMS E . 7.46 9.74 -32.08
C2 DMS E . 8.52 9.36 -34.54
S DMS F . 4.01 9.91 22.42
O DMS F . 3.94 8.64 23.23
C1 DMS F . 4.89 11.11 23.39
C2 DMS F . 2.39 10.64 22.52
S DMS G . 16.30 -18.33 -3.11
O DMS G . 15.45 -19.27 -4.00
C1 DMS G . 17.90 -19.08 -3.03
C2 DMS G . 16.74 -16.96 -4.16
S DMS H . 16.39 -15.62 -20.10
O DMS H . 15.37 -15.68 -21.25
C1 DMS H . 16.58 -17.30 -19.57
C2 DMS H . 17.95 -15.40 -20.92
S DMS I . -10.54 -12.27 -10.80
O DMS I . -10.82 -10.85 -11.25
C1 DMS I . -10.44 -12.24 -9.03
C2 DMS I . -12.14 -13.08 -10.87
S DMS J . 18.98 -1.51 7.76
O DMS J . 18.67 -0.83 9.08
C1 DMS J . 20.68 -2.05 7.91
C2 DMS J . 18.21 -3.11 7.81
S DMS K . 9.40 -25.34 -1.47
O DMS K . 9.04 -24.23 -2.45
C1 DMS K . 8.81 -24.85 0.12
C2 DMS K . 11.12 -25.20 -1.13
S DMS L . 18.65 -6.88 10.49
O DMS L . 17.61 -6.16 9.65
C1 DMS L . 17.92 -8.43 10.95
C2 DMS L . 18.63 -6.09 12.08
S DMS M . 12.87 -18.96 -12.33
O DMS M . 13.07 -18.57 -13.78
C1 DMS M . 14.35 -18.49 -11.44
C2 DMS M . 13.07 -20.73 -12.22
P PO4 N . 5.30 -17.21 -22.06
O1 PO4 N . 6.61 -16.83 -22.72
O2 PO4 N . 4.67 -18.40 -22.83
O3 PO4 N . 5.42 -17.59 -20.55
O4 PO4 N . 4.31 -16.00 -22.21
#